data_5LNC
#
_entry.id   5LNC
#
_cell.length_a   114.020
_cell.length_b   130.050
_cell.length_c   158.330
_cell.angle_alpha   90.00
_cell.angle_beta   90.00
_cell.angle_gamma   90.00
#
_symmetry.space_group_name_H-M   'I 21 21 21'
#
_entity_poly.entity_id   1
_entity_poly.type   'polypeptide(L)'
_entity_poly.pdbx_seq_one_letter_code
;MKFGEHLSKSLIRQYSYYYISYDDLKTELEDNLSKNNGQWTQELETDFLESLEIELDKVYTFCKVKHSEVFRRVKEVQEQ
VQHTVRLLDSNNPPTQLDFEILEEELSDIIADVHDLAKFSRLNYTGFQKIIKKHDKKTGFILKPVFQVRLDSKPFFKENY
DELVVKISQLYDIARTSGAGSDGFTVLSTKSLFLGQKLQVVQADIASIDSDAVVHPTNTDFYIGGEVGNTLEKKGGKEFV
EAVLELRKKNGPLEVAGAAVSAGHGLPAKFVIHCNSPVWGADKCEELLEKTVKNCLALADDKKLKSIAFPSIGSGRNGFP
KQTAAQLILKAISSYFVSTMSSSIKTVYFVLFDSESIGIYVQEMAKLEHHHHHH
;
_entity_poly.pdbx_strand_id   A,B
#
# COMPACT_ATOMS: atom_id res chain seq x y z
N LYS A 2 37.38 -4.81 3.82
CA LYS A 2 38.40 -3.83 3.45
C LYS A 2 39.53 -4.45 2.63
N PHE A 3 40.08 -5.59 3.11
CA PHE A 3 41.15 -6.35 2.41
C PHE A 3 40.55 -7.09 1.20
N GLY A 4 41.42 -7.65 0.34
CA GLY A 4 41.01 -8.40 -0.86
C GLY A 4 40.35 -9.72 -0.55
N GLU A 5 40.88 -10.44 0.48
CA GLU A 5 40.38 -11.73 0.98
C GLU A 5 39.15 -11.55 1.91
N HIS A 6 39.10 -10.41 2.68
CA HIS A 6 37.99 -10.08 3.58
C HIS A 6 36.69 -9.84 2.81
N LEU A 7 36.76 -9.07 1.68
CA LEU A 7 35.62 -8.78 0.79
C LEU A 7 35.27 -10.03 -0.03
N SER A 8 36.27 -10.92 -0.30
CA SER A 8 36.10 -12.18 -1.03
C SER A 8 35.22 -13.18 -0.25
N LYS A 9 35.35 -13.23 1.10
CA LYS A 9 34.56 -14.11 1.98
C LYS A 9 33.05 -13.77 2.04
N SER A 10 32.63 -12.59 1.51
CA SER A 10 31.22 -12.17 1.42
C SER A 10 30.57 -12.65 0.07
N LEU A 11 31.01 -13.84 -0.42
CA LEU A 11 30.51 -14.50 -1.65
C LEU A 11 29.35 -15.49 -1.33
N ILE A 12 28.70 -16.05 -2.38
CA ILE A 12 27.63 -17.05 -2.19
C ILE A 12 28.30 -18.39 -1.83
N ARG A 13 28.31 -18.73 -0.53
CA ARG A 13 28.93 -19.94 0.06
C ARG A 13 28.49 -21.28 -0.59
N GLN A 14 27.31 -21.30 -1.25
CA GLN A 14 26.76 -22.47 -1.96
C GLN A 14 27.60 -22.85 -3.20
N TYR A 15 28.26 -21.84 -3.84
CA TYR A 15 29.11 -22.01 -5.03
C TYR A 15 30.59 -21.55 -4.80
N SER A 16 31.08 -21.66 -3.54
CA SER A 16 32.43 -21.24 -3.07
C SER A 16 33.62 -21.74 -3.91
N TYR A 17 33.52 -22.98 -4.43
CA TYR A 17 34.57 -23.62 -5.26
C TYR A 17 34.79 -22.93 -6.60
N TYR A 18 33.68 -22.65 -7.33
CA TYR A 18 33.68 -22.04 -8.67
C TYR A 18 34.18 -20.57 -8.71
N TYR A 19 34.28 -19.88 -7.54
CA TYR A 19 34.80 -18.51 -7.43
C TYR A 19 36.32 -18.48 -7.68
N ILE A 20 36.89 -17.29 -8.02
CA ILE A 20 38.33 -17.08 -8.28
C ILE A 20 39.18 -17.37 -7.05
N SER A 21 40.23 -18.22 -7.20
CA SER A 21 41.16 -18.58 -6.12
C SER A 21 42.18 -17.43 -5.88
N TYR A 22 41.67 -16.28 -5.37
CA TYR A 22 42.43 -15.06 -5.07
C TYR A 22 43.59 -15.32 -4.12
N ASP A 23 43.35 -16.06 -3.00
CA ASP A 23 44.36 -16.43 -2.00
C ASP A 23 45.45 -17.34 -2.59
N ASP A 24 45.06 -18.33 -3.44
CA ASP A 24 45.98 -19.27 -4.11
C ASP A 24 46.85 -18.54 -5.17
N LEU A 25 46.26 -17.59 -5.94
CA LEU A 25 46.98 -16.79 -6.94
C LEU A 25 47.90 -15.75 -6.27
N LYS A 26 47.50 -15.24 -5.07
CA LYS A 26 48.26 -14.26 -4.27
C LYS A 26 49.53 -14.93 -3.69
N THR A 27 49.38 -16.17 -3.15
CA THR A 27 50.49 -16.97 -2.60
C THR A 27 51.45 -17.42 -3.71
N GLU A 28 50.92 -17.78 -4.92
CA GLU A 28 51.70 -18.19 -6.10
C GLU A 28 52.69 -17.10 -6.54
N LEU A 29 52.28 -15.81 -6.44
CA LEU A 29 53.12 -14.65 -6.77
C LEU A 29 54.21 -14.46 -5.71
N GLU A 30 53.83 -14.38 -4.41
CA GLU A 30 54.72 -14.19 -3.26
C GLU A 30 55.77 -15.31 -3.07
N ASP A 31 55.36 -16.60 -3.19
CA ASP A 31 56.25 -17.77 -3.07
C ASP A 31 57.29 -17.84 -4.21
N ASN A 32 56.86 -17.50 -5.46
CA ASN A 32 57.75 -17.46 -6.63
C ASN A 32 58.69 -16.23 -6.58
N LEU A 33 58.23 -15.14 -5.90
CA LEU A 33 59.02 -13.91 -5.69
C LEU A 33 60.02 -14.10 -4.54
N SER A 34 59.75 -15.04 -3.61
CA SER A 34 60.64 -15.39 -2.49
C SER A 34 61.88 -16.12 -3.08
N LYS A 35 61.65 -17.02 -4.06
CA LYS A 35 62.68 -17.85 -4.70
C LYS A 35 63.57 -17.18 -5.77
N ASN A 36 63.04 -16.75 -6.96
CA ASN A 36 63.81 -16.18 -8.08
C ASN A 36 64.52 -14.80 -7.77
N ASN A 37 64.75 -14.51 -6.46
CA ASN A 37 65.38 -13.32 -5.87
C ASN A 37 64.65 -11.99 -6.24
N GLY A 38 63.40 -11.87 -5.79
CA GLY A 38 62.53 -10.72 -6.01
C GLY A 38 62.36 -10.26 -7.45
N THR A 41 60.64 -13.29 -14.01
CA THR A 41 61.12 -13.65 -15.36
C THR A 41 59.97 -14.10 -16.30
N GLN A 42 60.27 -14.28 -17.61
CA GLN A 42 59.32 -14.72 -18.65
C GLN A 42 58.79 -16.14 -18.37
N GLU A 43 59.65 -17.04 -17.82
CA GLU A 43 59.30 -18.41 -17.44
C GLU A 43 58.32 -18.40 -16.24
N LEU A 44 58.52 -17.43 -15.30
CA LEU A 44 57.67 -17.23 -14.12
C LEU A 44 56.31 -16.63 -14.54
N GLU A 45 56.29 -15.83 -15.64
CA GLU A 45 55.10 -15.21 -16.20
C GLU A 45 54.16 -16.22 -16.86
N THR A 46 54.72 -17.22 -17.62
CA THR A 46 53.96 -18.29 -18.28
C THR A 46 53.22 -19.17 -17.25
N ASP A 47 53.91 -19.52 -16.13
CA ASP A 47 53.37 -20.32 -15.02
C ASP A 47 52.18 -19.62 -14.32
N PHE A 48 52.26 -18.27 -14.16
CA PHE A 48 51.18 -17.46 -13.56
C PHE A 48 50.00 -17.31 -14.52
N LEU A 49 50.28 -17.09 -15.83
CA LEU A 49 49.25 -16.95 -16.89
C LEU A 49 48.51 -18.29 -17.11
N GLU A 50 49.21 -19.44 -16.91
CA GLU A 50 48.62 -20.79 -17.02
C GLU A 50 47.65 -21.04 -15.87
N SER A 51 47.98 -20.55 -14.65
CA SER A 51 47.14 -20.64 -13.44
C SER A 51 45.87 -19.78 -13.58
N LEU A 52 45.99 -18.58 -14.23
CA LEU A 52 44.87 -17.66 -14.51
C LEU A 52 43.91 -18.30 -15.51
N GLU A 53 44.46 -19.03 -16.51
CA GLU A 53 43.68 -19.73 -17.55
C GLU A 53 42.83 -20.87 -16.96
N ILE A 54 43.36 -21.59 -15.92
CA ILE A 54 42.65 -22.66 -15.22
C ILE A 54 41.47 -22.05 -14.44
N GLU A 55 41.72 -20.87 -13.79
CA GLU A 55 40.73 -20.08 -13.03
C GLU A 55 39.63 -19.51 -13.94
N LEU A 56 40.03 -18.92 -15.09
CA LEU A 56 39.12 -18.34 -16.09
C LEU A 56 38.18 -19.42 -16.67
N ASP A 57 38.75 -20.59 -17.07
CA ASP A 57 37.98 -21.74 -17.60
C ASP A 57 36.98 -22.26 -16.59
N LYS A 58 37.35 -22.29 -15.27
CA LYS A 58 36.48 -22.70 -14.15
C LYS A 58 35.28 -21.76 -13.97
N VAL A 59 35.53 -20.42 -13.96
CA VAL A 59 34.51 -19.37 -13.83
C VAL A 59 33.60 -19.29 -15.09
N TYR A 60 34.21 -19.32 -16.31
CA TYR A 60 33.46 -19.26 -17.59
C TYR A 60 32.53 -20.46 -17.81
N THR A 61 32.99 -21.71 -17.52
CA THR A 61 32.17 -22.93 -17.65
C THR A 61 30.99 -22.95 -16.68
N PHE A 62 31.19 -22.49 -15.42
CA PHE A 62 30.11 -22.39 -14.41
C PHE A 62 29.04 -21.38 -14.83
N CYS A 63 29.47 -20.21 -15.37
CA CYS A 63 28.59 -19.15 -15.89
C CYS A 63 27.80 -19.68 -17.10
N LYS A 64 28.47 -20.49 -17.96
CA LYS A 64 27.89 -21.11 -19.16
C LYS A 64 26.85 -22.19 -18.78
N VAL A 65 27.15 -23.03 -17.75
CA VAL A 65 26.27 -24.10 -17.23
C VAL A 65 24.99 -23.51 -16.59
N LYS A 66 25.14 -22.52 -15.67
CA LYS A 66 24.02 -21.84 -15.01
C LYS A 66 23.14 -21.02 -16.00
N HIS A 67 23.75 -20.55 -17.13
CA HIS A 67 23.08 -19.80 -18.21
C HIS A 67 22.08 -20.72 -18.92
N SER A 68 22.51 -21.96 -19.21
CA SER A 68 21.71 -22.99 -19.87
C SER A 68 20.59 -23.47 -18.97
N GLU A 69 20.79 -23.46 -17.63
CA GLU A 69 19.79 -23.88 -16.63
C GLU A 69 18.59 -22.91 -16.58
N VAL A 70 18.86 -21.57 -16.44
CA VAL A 70 17.83 -20.52 -16.38
C VAL A 70 17.06 -20.39 -17.73
N PHE A 71 17.78 -20.52 -18.86
CA PHE A 71 17.17 -20.45 -20.21
C PHE A 71 16.30 -21.67 -20.53
N ARG A 72 16.61 -22.84 -19.91
CA ARG A 72 15.83 -24.08 -20.05
C ARG A 72 14.58 -23.97 -19.19
N ARG A 73 14.70 -23.42 -17.94
CA ARG A 73 13.60 -23.22 -16.99
C ARG A 73 12.52 -22.27 -17.55
N VAL A 74 12.95 -21.18 -18.26
CA VAL A 74 12.05 -20.21 -18.91
C VAL A 74 11.34 -20.88 -20.11
N LYS A 75 12.11 -21.60 -20.98
CA LYS A 75 11.61 -22.35 -22.14
C LYS A 75 10.54 -23.38 -21.76
N GLU A 76 10.69 -24.04 -20.58
CA GLU A 76 9.75 -25.02 -20.04
C GLU A 76 8.46 -24.36 -19.52
N VAL A 77 8.56 -23.25 -18.73
CA VAL A 77 7.38 -22.52 -18.22
C VAL A 77 6.63 -21.77 -19.35
N GLN A 78 7.36 -21.37 -20.44
CA GLN A 78 6.79 -20.71 -21.64
C GLN A 78 5.85 -21.70 -22.34
N GLU A 79 6.25 -23.00 -22.40
CA GLU A 79 5.47 -24.09 -22.97
C GLU A 79 4.29 -24.40 -22.04
N GLN A 80 4.49 -24.32 -20.69
CA GLN A 80 3.49 -24.55 -19.66
C GLN A 80 2.35 -23.51 -19.71
N VAL A 81 2.71 -22.19 -19.85
CA VAL A 81 1.72 -21.09 -19.94
C VAL A 81 0.92 -21.18 -21.27
N GLN A 82 1.62 -21.52 -22.39
CA GLN A 82 1.04 -21.68 -23.73
C GLN A 82 0.04 -22.83 -23.77
N HIS A 83 0.28 -23.91 -22.98
CA HIS A 83 -0.62 -25.06 -22.87
C HIS A 83 -1.88 -24.69 -22.09
N THR A 84 -1.75 -24.02 -20.90
CA THR A 84 -2.88 -23.60 -20.07
C THR A 84 -3.79 -22.57 -20.78
N VAL A 85 -3.20 -21.61 -21.54
CA VAL A 85 -3.95 -20.61 -22.31
C VAL A 85 -4.77 -21.30 -23.42
N ARG A 86 -4.17 -22.32 -24.10
CA ARG A 86 -4.81 -23.14 -25.15
C ARG A 86 -5.93 -24.02 -24.55
N LEU A 87 -5.87 -24.31 -23.22
CA LEU A 87 -6.86 -25.11 -22.49
C LEU A 87 -8.09 -24.29 -22.03
N LEU A 88 -7.99 -22.93 -22.02
CA LEU A 88 -9.09 -22.03 -21.65
C LEU A 88 -10.20 -22.00 -22.73
N ASP A 89 -11.47 -22.27 -22.34
CA ASP A 89 -12.63 -22.29 -23.25
C ASP A 89 -13.93 -22.00 -22.51
N SER A 90 -14.63 -20.90 -22.91
CA SER A 90 -15.90 -20.36 -22.38
C SER A 90 -15.82 -19.86 -20.93
N ASN A 91 -15.25 -20.68 -20.00
CA ASN A 91 -15.08 -20.37 -18.57
C ASN A 91 -13.60 -20.43 -18.15
N ASN A 92 -13.11 -19.35 -17.51
CA ASN A 92 -11.71 -19.23 -17.05
C ASN A 92 -11.61 -19.06 -15.53
N PRO A 93 -12.06 -20.12 -14.81
CA PRO A 93 -12.58 -19.93 -13.45
C PRO A 93 -11.48 -19.90 -12.39
N PRO A 94 -10.59 -20.90 -12.48
CA PRO A 94 -9.65 -21.15 -11.38
C PRO A 94 -8.19 -20.85 -11.78
N THR A 95 -8.02 -19.76 -12.55
CA THR A 95 -6.72 -19.28 -13.07
C THR A 95 -5.77 -18.75 -11.98
N GLN A 96 -6.27 -18.52 -10.74
CA GLN A 96 -5.48 -17.96 -9.63
C GLN A 96 -4.35 -18.87 -9.14
N LEU A 97 -4.66 -20.15 -8.80
CA LEU A 97 -3.66 -21.12 -8.31
C LEU A 97 -2.65 -21.55 -9.41
N ASP A 98 -3.14 -21.71 -10.68
CA ASP A 98 -2.33 -22.08 -11.85
C ASP A 98 -1.22 -21.06 -12.13
N PHE A 99 -1.55 -19.77 -11.93
CA PHE A 99 -0.64 -18.64 -12.11
C PHE A 99 0.30 -18.52 -10.92
N GLU A 100 -0.14 -18.95 -9.69
CA GLU A 100 0.65 -18.92 -8.45
C GLU A 100 1.83 -19.88 -8.54
N ILE A 101 1.65 -21.09 -9.13
CA ILE A 101 2.77 -22.03 -9.26
C ILE A 101 3.79 -21.54 -10.34
N LEU A 102 3.29 -20.97 -11.46
CA LEU A 102 4.13 -20.38 -12.52
C LEU A 102 4.91 -19.17 -11.96
N GLU A 103 4.25 -18.36 -11.08
CA GLU A 103 4.83 -17.18 -10.39
C GLU A 103 5.94 -17.62 -9.43
N GLU A 104 5.72 -18.74 -8.66
CA GLU A 104 6.70 -19.31 -7.73
C GLU A 104 7.95 -19.81 -8.47
N GLU A 105 7.75 -20.43 -9.66
CA GLU A 105 8.84 -20.93 -10.51
C GLU A 105 9.60 -19.77 -11.17
N LEU A 106 8.88 -18.73 -11.67
CA LEU A 106 9.48 -17.54 -12.30
C LEU A 106 10.28 -16.74 -11.27
N SER A 107 9.77 -16.60 -10.01
CA SER A 107 10.45 -15.90 -8.90
C SER A 107 11.72 -16.65 -8.48
N ASP A 108 11.71 -18.01 -8.57
CA ASP A 108 12.85 -18.89 -8.27
C ASP A 108 13.95 -18.67 -9.32
N ILE A 109 13.57 -18.49 -10.62
CA ILE A 109 14.48 -18.21 -11.75
C ILE A 109 15.05 -16.79 -11.58
N ILE A 110 14.21 -15.78 -11.16
CA ILE A 110 14.61 -14.38 -10.90
C ILE A 110 15.76 -14.35 -9.87
N ALA A 111 15.64 -15.16 -8.79
CA ALA A 111 16.65 -15.31 -7.73
C ALA A 111 17.95 -15.94 -8.29
N ASP A 112 17.82 -16.95 -9.18
CA ASP A 112 18.94 -17.64 -9.85
C ASP A 112 19.73 -16.69 -10.78
N VAL A 113 19.01 -15.82 -11.56
CA VAL A 113 19.61 -14.81 -12.45
C VAL A 113 20.29 -13.71 -11.59
N HIS A 114 19.69 -13.34 -10.44
CA HIS A 114 20.22 -12.35 -9.49
C HIS A 114 21.57 -12.88 -8.89
N ASP A 115 21.60 -14.15 -8.40
CA ASP A 115 22.80 -14.81 -7.83
C ASP A 115 23.94 -14.94 -8.88
N LEU A 116 23.55 -15.22 -10.14
CA LEU A 116 24.46 -15.35 -11.29
C LEU A 116 25.06 -13.99 -11.67
N ALA A 117 24.30 -12.88 -11.48
CA ALA A 117 24.78 -11.52 -11.72
C ALA A 117 25.78 -11.10 -10.63
N LYS A 118 25.52 -11.51 -9.37
CA LYS A 118 26.38 -11.26 -8.22
C LYS A 118 27.73 -12.03 -8.34
N PHE A 119 27.67 -13.30 -8.87
CA PHE A 119 28.84 -14.16 -9.12
C PHE A 119 29.79 -13.55 -10.16
N SER A 120 29.23 -13.06 -11.28
CA SER A 120 30.00 -12.44 -12.36
C SER A 120 30.69 -11.13 -11.98
N ARG A 121 29.97 -10.20 -11.28
CA ARG A 121 30.53 -8.90 -10.85
C ARG A 121 31.65 -9.05 -9.79
N LEU A 122 31.55 -10.05 -8.89
CA LEU A 122 32.56 -10.30 -7.86
C LEU A 122 33.83 -10.94 -8.47
N ASN A 123 33.66 -11.89 -9.41
CA ASN A 123 34.76 -12.57 -10.11
C ASN A 123 35.50 -11.60 -11.04
N TYR A 124 34.76 -10.67 -11.72
CA TYR A 124 35.34 -9.62 -12.60
C TYR A 124 36.25 -8.72 -11.76
N THR A 125 35.75 -8.26 -10.58
CA THR A 125 36.49 -7.43 -9.61
C THR A 125 37.72 -8.20 -9.09
N GLY A 126 37.53 -9.50 -8.82
CA GLY A 126 38.58 -10.41 -8.37
C GLY A 126 39.73 -10.54 -9.35
N PHE A 127 39.41 -10.62 -10.67
CA PHE A 127 40.39 -10.70 -11.76
C PHE A 127 41.13 -9.36 -11.95
N GLN A 128 40.40 -8.22 -11.83
CA GLN A 128 40.97 -6.88 -11.94
C GLN A 128 41.89 -6.55 -10.75
N LYS A 129 41.54 -7.06 -9.52
CA LYS A 129 42.33 -6.86 -8.30
C LYS A 129 43.63 -7.71 -8.28
N ILE A 130 43.58 -8.98 -8.77
CA ILE A 130 44.76 -9.88 -8.84
C ILE A 130 45.79 -9.37 -9.88
N ILE A 131 45.32 -8.75 -11.00
CA ILE A 131 46.15 -8.14 -12.05
C ILE A 131 46.78 -6.82 -11.52
N LYS A 132 46.01 -6.06 -10.69
CA LYS A 132 46.44 -4.81 -10.03
C LYS A 132 47.61 -5.14 -9.07
N LYS A 133 47.50 -6.27 -8.33
CA LYS A 133 48.52 -6.77 -7.41
C LYS A 133 49.72 -7.34 -8.20
N HIS A 134 49.46 -7.95 -9.39
CA HIS A 134 50.50 -8.48 -10.29
C HIS A 134 51.39 -7.35 -10.82
N ASP A 135 50.78 -6.24 -11.31
CA ASP A 135 51.49 -5.07 -11.83
C ASP A 135 52.23 -4.27 -10.74
N LYS A 136 51.86 -4.47 -9.45
CA LYS A 136 52.48 -3.82 -8.28
C LYS A 136 53.65 -4.66 -7.72
N LYS A 137 53.43 -5.97 -7.48
CA LYS A 137 54.44 -6.90 -6.95
C LYS A 137 55.47 -7.36 -8.00
N THR A 138 55.07 -7.34 -9.30
CA THR A 138 55.92 -7.71 -10.45
C THR A 138 55.99 -6.56 -11.48
N GLY A 139 57.16 -6.37 -12.08
CA GLY A 139 57.42 -5.33 -13.08
C GLY A 139 56.60 -5.40 -14.35
N PHE A 140 56.21 -6.64 -14.77
CA PHE A 140 55.39 -6.93 -15.95
C PHE A 140 53.97 -6.35 -15.80
N ILE A 141 53.46 -5.65 -16.84
CA ILE A 141 52.14 -5.03 -16.85
C ILE A 141 51.12 -5.88 -17.63
N LEU A 142 49.99 -6.22 -16.98
CA LEU A 142 48.90 -7.02 -17.56
C LEU A 142 47.53 -6.29 -17.54
N LYS A 143 47.48 -5.03 -17.01
CA LYS A 143 46.26 -4.21 -16.94
C LYS A 143 45.55 -4.02 -18.32
N PRO A 144 46.22 -3.59 -19.43
CA PRO A 144 45.50 -3.47 -20.73
C PRO A 144 45.11 -4.82 -21.35
N VAL A 145 45.83 -5.91 -21.00
CA VAL A 145 45.60 -7.27 -21.49
C VAL A 145 44.26 -7.86 -21.01
N PHE A 146 44.00 -7.86 -19.69
CA PHE A 146 42.79 -8.41 -19.08
C PHE A 146 41.60 -7.45 -19.04
N GLN A 147 41.79 -6.11 -19.08
CA GLN A 147 40.66 -5.16 -19.09
C GLN A 147 39.94 -5.17 -20.46
N VAL A 148 40.68 -5.44 -21.56
CA VAL A 148 40.17 -5.55 -22.94
C VAL A 148 39.49 -6.94 -23.14
N ARG A 149 40.18 -8.03 -22.70
CA ARG A 149 39.71 -9.42 -22.80
C ARG A 149 38.45 -9.72 -21.97
N LEU A 150 38.19 -8.96 -20.88
CA LEU A 150 37.02 -9.17 -20.02
C LEU A 150 35.85 -8.22 -20.32
N ASP A 151 36.11 -6.98 -20.83
CA ASP A 151 35.03 -6.03 -21.21
C ASP A 151 34.25 -6.60 -22.40
N SER A 152 34.96 -7.15 -23.40
CA SER A 152 34.39 -7.86 -24.54
C SER A 152 34.31 -9.32 -24.10
N LYS A 153 33.16 -10.02 -24.33
CA LYS A 153 32.92 -11.39 -23.87
C LYS A 153 32.99 -11.48 -22.29
N PRO A 154 31.97 -10.94 -21.55
CA PRO A 154 32.04 -10.97 -20.07
C PRO A 154 31.54 -12.27 -19.44
N PHE A 155 31.65 -12.44 -18.09
CA PHE A 155 31.18 -13.63 -17.37
C PHE A 155 29.63 -13.71 -17.44
N PHE A 156 28.95 -12.57 -17.27
CA PHE A 156 27.49 -12.45 -17.38
C PHE A 156 27.16 -12.00 -18.80
N LYS A 157 26.49 -12.87 -19.59
CA LYS A 157 26.12 -12.60 -20.99
C LYS A 157 25.15 -11.41 -21.17
N GLU A 158 25.04 -10.87 -22.38
CA GLU A 158 24.12 -9.76 -22.70
C GLU A 158 22.71 -10.31 -22.95
N ASN A 159 22.61 -11.66 -23.19
CA ASN A 159 21.38 -12.43 -23.47
C ASN A 159 20.35 -12.39 -22.31
N TYR A 160 20.76 -12.08 -21.06
CA TYR A 160 19.87 -12.02 -19.89
C TYR A 160 18.82 -10.91 -19.93
N ASP A 161 19.15 -9.74 -20.55
CA ASP A 161 18.21 -8.61 -20.66
C ASP A 161 17.02 -8.98 -21.54
N GLU A 162 17.23 -9.85 -22.58
CA GLU A 162 16.20 -10.39 -23.47
C GLU A 162 15.32 -11.39 -22.67
N LEU A 163 15.95 -12.20 -21.77
CA LEU A 163 15.31 -13.19 -20.88
C LEU A 163 14.43 -12.51 -19.81
N VAL A 164 14.89 -11.36 -19.24
CA VAL A 164 14.15 -10.54 -18.24
C VAL A 164 12.80 -10.03 -18.83
N VAL A 165 12.83 -9.55 -20.10
CA VAL A 165 11.65 -9.06 -20.84
C VAL A 165 10.68 -10.25 -21.08
N LYS A 166 11.20 -11.47 -21.44
CA LYS A 166 10.38 -12.68 -21.63
C LYS A 166 9.76 -13.16 -20.30
N ILE A 167 10.52 -13.13 -19.16
CA ILE A 167 10.03 -13.50 -17.80
C ILE A 167 8.81 -12.58 -17.43
N SER A 168 8.95 -11.27 -17.70
CA SER A 168 7.92 -10.25 -17.46
C SER A 168 6.68 -10.47 -18.35
N GLN A 169 6.91 -10.88 -19.64
CA GLN A 169 5.85 -11.19 -20.62
C GLN A 169 4.99 -12.37 -20.17
N LEU A 170 5.62 -13.46 -19.61
CA LEU A 170 4.92 -14.64 -19.09
C LEU A 170 4.19 -14.30 -17.78
N TYR A 171 4.79 -13.44 -16.91
CA TYR A 171 4.19 -12.98 -15.63
C TYR A 171 2.91 -12.14 -15.90
N ASP A 172 2.96 -11.26 -16.94
CA ASP A 172 1.84 -10.40 -17.39
C ASP A 172 0.67 -11.25 -17.94
N ILE A 173 0.98 -12.40 -18.61
CA ILE A 173 -0.02 -13.36 -19.14
C ILE A 173 -0.82 -13.96 -17.98
N ALA A 174 -0.12 -14.37 -16.88
CA ALA A 174 -0.74 -14.91 -15.66
C ALA A 174 -1.56 -13.83 -14.91
N ARG A 175 -1.13 -12.55 -14.98
CA ARG A 175 -1.80 -11.40 -14.35
C ARG A 175 -3.09 -11.01 -15.11
N THR A 176 -3.00 -10.78 -16.44
CA THR A 176 -4.11 -10.38 -17.31
C THR A 176 -5.21 -11.46 -17.45
N SER A 177 -4.82 -12.74 -17.65
CA SER A 177 -5.75 -13.87 -17.79
C SER A 177 -6.60 -14.16 -16.54
N GLY A 178 -6.08 -13.81 -15.36
CA GLY A 178 -6.76 -14.01 -14.08
C GLY A 178 -7.98 -13.12 -13.89
N ALA A 179 -7.77 -11.78 -13.84
CA ALA A 179 -8.81 -10.77 -13.66
C ALA A 179 -9.73 -10.68 -14.88
N PHE A 184 -11.96 -2.25 -12.22
CA PHE A 184 -11.13 -1.67 -11.17
C PHE A 184 -9.63 -1.88 -11.40
N THR A 185 -8.80 -0.94 -10.90
CA THR A 185 -7.33 -0.95 -10.98
C THR A 185 -6.66 -0.67 -9.63
N VAL A 186 -7.39 0.01 -8.71
CA VAL A 186 -7.06 0.53 -7.37
C VAL A 186 -5.66 1.15 -7.34
N LEU A 187 -5.67 2.47 -7.23
CA LEU A 187 -4.48 3.31 -7.16
C LEU A 187 -4.00 3.47 -5.73
N SER A 188 -4.93 3.47 -4.77
CA SER A 188 -4.59 3.63 -3.36
C SER A 188 -5.66 3.02 -2.52
N THR A 189 -5.26 2.41 -1.41
CA THR A 189 -6.19 1.84 -0.45
C THR A 189 -5.90 2.37 0.93
N LYS A 190 -6.94 2.74 1.64
CA LYS A 190 -6.86 3.10 3.05
C LYS A 190 -7.86 2.21 3.74
N SER A 191 -7.36 1.35 4.62
CA SER A 191 -8.21 0.49 5.40
C SER A 191 -8.48 1.16 6.72
N LEU A 192 -9.75 1.41 6.98
CA LEU A 192 -10.16 2.04 8.23
C LEU A 192 -10.13 1.02 9.34
N PHE A 193 -10.00 1.48 10.58
CA PHE A 193 -9.90 0.56 11.72
C PHE A 193 -11.07 -0.38 11.84
N LEU A 194 -12.25 0.05 11.39
CA LEU A 194 -13.43 -0.81 11.43
C LEU A 194 -13.57 -1.69 10.19
N GLY A 195 -12.51 -1.71 9.40
CA GLY A 195 -12.32 -2.62 8.29
C GLY A 195 -12.84 -2.23 6.95
N GLN A 196 -13.36 -1.02 6.81
CA GLN A 196 -13.84 -0.55 5.52
C GLN A 196 -12.62 -0.19 4.69
N LYS A 197 -12.67 -0.52 3.41
CA LYS A 197 -11.63 -0.26 2.43
C LYS A 197 -12.04 0.97 1.69
N LEU A 198 -11.19 2.00 1.72
CA LEU A 198 -11.38 3.21 0.94
C LEU A 198 -10.38 3.12 -0.20
N GLN A 199 -10.86 3.15 -1.43
CA GLN A 199 -9.97 2.98 -2.58
C GLN A 199 -10.19 3.99 -3.64
N VAL A 200 -9.08 4.49 -4.18
CA VAL A 200 -9.08 5.43 -5.27
C VAL A 200 -8.86 4.66 -6.53
N VAL A 201 -9.75 4.86 -7.49
CA VAL A 201 -9.72 4.18 -8.79
C VAL A 201 -9.81 5.27 -9.84
N GLN A 202 -9.00 5.19 -10.89
CA GLN A 202 -9.10 6.15 -11.98
C GLN A 202 -9.81 5.37 -13.06
N ALA A 203 -11.12 5.60 -13.20
CA ALA A 203 -11.94 4.90 -14.18
C ALA A 203 -13.19 5.68 -14.40
N ASP A 204 -13.95 5.26 -15.41
CA ASP A 204 -15.25 5.82 -15.69
C ASP A 204 -16.13 5.20 -14.62
N ILE A 205 -16.68 6.02 -13.71
CA ILE A 205 -17.51 5.56 -12.61
C ILE A 205 -18.68 4.69 -13.08
N ALA A 206 -19.24 4.95 -14.28
CA ALA A 206 -20.35 4.16 -14.82
C ALA A 206 -19.95 2.71 -15.11
N SER A 207 -18.66 2.45 -15.29
CA SER A 207 -18.14 1.13 -15.61
C SER A 207 -17.86 0.27 -14.38
N ILE A 208 -17.81 0.91 -13.21
CA ILE A 208 -17.48 0.27 -11.95
C ILE A 208 -18.62 -0.59 -11.45
N ASP A 209 -18.28 -1.87 -11.20
CA ASP A 209 -19.02 -3.02 -10.69
C ASP A 209 -19.51 -2.84 -9.24
N SER A 210 -19.46 -1.62 -8.68
CA SER A 210 -19.84 -1.33 -7.32
C SER A 210 -21.34 -1.57 -7.11
N ASP A 211 -21.77 -1.86 -5.88
CA ASP A 211 -23.18 -2.09 -5.64
C ASP A 211 -23.97 -0.83 -5.91
N ALA A 212 -23.38 0.29 -5.53
CA ALA A 212 -23.97 1.59 -5.74
C ALA A 212 -22.96 2.49 -6.35
N VAL A 213 -23.48 3.41 -7.16
CA VAL A 213 -22.71 4.50 -7.74
C VAL A 213 -23.44 5.78 -7.38
N VAL A 214 -22.68 6.78 -6.97
CA VAL A 214 -23.26 8.05 -6.59
C VAL A 214 -23.31 8.97 -7.78
N HIS A 215 -24.49 9.53 -8.00
CA HIS A 215 -24.78 10.48 -9.04
C HIS A 215 -25.06 11.84 -8.42
N PRO A 216 -24.07 12.75 -8.46
CA PRO A 216 -24.29 14.11 -7.97
C PRO A 216 -25.19 14.85 -8.93
N THR A 217 -26.37 15.16 -8.46
CA THR A 217 -27.39 15.83 -9.23
C THR A 217 -27.81 17.08 -8.48
N ASN A 218 -28.98 17.59 -8.83
CA ASN A 218 -29.56 18.75 -8.20
C ASN A 218 -30.94 18.37 -7.71
N THR A 219 -31.74 19.36 -7.28
CA THR A 219 -33.07 19.14 -6.70
C THR A 219 -34.03 18.46 -7.69
N ASP A 220 -33.84 18.71 -8.98
CA ASP A 220 -34.70 18.18 -10.04
C ASP A 220 -34.13 16.93 -10.71
N PHE A 221 -33.13 16.27 -10.09
CA PHE A 221 -32.50 15.05 -10.62
C PHE A 221 -31.98 15.24 -12.02
N TYR A 222 -31.44 16.42 -12.30
CA TYR A 222 -30.88 16.72 -13.60
C TYR A 222 -29.76 15.75 -13.87
N ILE A 223 -29.75 15.16 -15.08
CA ILE A 223 -28.72 14.23 -15.50
C ILE A 223 -27.82 14.94 -16.47
N GLY A 224 -26.60 15.22 -16.03
CA GLY A 224 -25.61 15.89 -16.84
C GLY A 224 -24.28 15.93 -16.14
N GLY A 225 -23.40 16.78 -16.64
CA GLY A 225 -22.05 16.92 -16.09
C GLY A 225 -21.29 15.64 -16.34
N GLU A 226 -20.06 15.59 -15.85
CA GLU A 226 -19.20 14.43 -16.04
C GLU A 226 -19.91 13.12 -15.68
N VAL A 227 -20.41 13.02 -14.45
CA VAL A 227 -21.01 11.81 -13.91
C VAL A 227 -22.30 11.44 -14.59
N GLY A 228 -23.23 12.38 -14.65
CA GLY A 228 -24.54 12.14 -15.24
C GLY A 228 -24.42 11.76 -16.69
N ASN A 229 -23.56 12.46 -17.43
CA ASN A 229 -23.35 12.11 -18.83
C ASN A 229 -22.79 10.71 -18.98
N THR A 230 -21.80 10.34 -18.16
CA THR A 230 -21.19 9.03 -18.30
C THR A 230 -22.16 7.93 -17.95
N LEU A 231 -23.00 8.15 -16.93
CA LEU A 231 -23.98 7.16 -16.52
C LEU A 231 -25.02 7.04 -17.61
N GLU A 232 -25.43 8.18 -18.18
CA GLU A 232 -26.42 8.13 -19.24
C GLU A 232 -25.88 7.43 -20.47
N LYS A 233 -24.61 7.70 -20.80
CA LYS A 233 -23.96 7.07 -21.94
C LYS A 233 -23.97 5.56 -21.77
N LYS A 234 -23.56 5.11 -20.58
CA LYS A 234 -23.52 3.71 -20.26
C LYS A 234 -24.90 3.05 -20.20
N GLY A 235 -25.80 3.65 -19.41
CA GLY A 235 -27.10 3.07 -19.08
C GLY A 235 -28.26 3.35 -20.02
N GLY A 236 -28.09 4.39 -20.82
CA GLY A 236 -29.08 4.78 -21.82
C GLY A 236 -30.46 5.07 -21.28
N LYS A 237 -31.45 4.73 -22.10
CA LYS A 237 -32.85 4.97 -21.83
C LYS A 237 -33.33 4.40 -20.51
N GLU A 238 -33.01 3.12 -20.22
CA GLU A 238 -33.44 2.46 -18.99
C GLU A 238 -32.93 3.20 -17.77
N PHE A 239 -31.69 3.67 -17.82
CA PHE A 239 -31.13 4.44 -16.71
C PHE A 239 -31.91 5.75 -16.53
N VAL A 240 -32.18 6.45 -17.64
CA VAL A 240 -32.93 7.71 -17.60
C VAL A 240 -34.36 7.50 -17.11
N GLU A 241 -35.05 6.51 -17.68
CA GLU A 241 -36.42 6.16 -17.30
C GLU A 241 -36.52 5.98 -15.80
N ALA A 242 -35.52 5.30 -15.21
CA ALA A 242 -35.46 5.04 -13.77
C ALA A 242 -35.28 6.30 -12.98
N VAL A 243 -34.44 7.25 -13.47
CA VAL A 243 -34.23 8.54 -12.81
C VAL A 243 -35.53 9.36 -12.85
N LEU A 244 -36.17 9.42 -14.03
CA LEU A 244 -37.41 10.16 -14.20
C LEU A 244 -38.51 9.66 -13.28
N GLU A 245 -38.62 8.32 -13.16
CA GLU A 245 -39.60 7.67 -12.29
C GLU A 245 -39.30 8.08 -10.87
N LEU A 246 -38.01 8.01 -10.49
CA LEU A 246 -37.56 8.37 -9.15
C LEU A 246 -37.90 9.80 -8.86
N ARG A 247 -37.64 10.70 -9.82
CA ARG A 247 -37.99 12.11 -9.66
C ARG A 247 -39.47 12.25 -9.39
N LYS A 248 -40.30 11.55 -10.17
CA LYS A 248 -41.75 11.60 -10.05
C LYS A 248 -42.19 11.11 -8.67
N LYS A 249 -41.61 9.99 -8.22
CA LYS A 249 -41.94 9.37 -6.93
C LYS A 249 -41.43 10.19 -5.76
N ASN A 250 -40.15 10.56 -5.80
CA ASN A 250 -39.49 11.26 -4.71
C ASN A 250 -39.90 12.71 -4.58
N GLY A 251 -40.12 13.35 -5.70
CA GLY A 251 -40.32 14.79 -5.72
C GLY A 251 -38.95 15.42 -5.64
N PRO A 252 -38.86 16.75 -5.50
CA PRO A 252 -37.56 17.42 -5.47
C PRO A 252 -36.64 16.90 -4.39
N LEU A 253 -35.37 16.74 -4.73
CA LEU A 253 -34.36 16.24 -3.83
C LEU A 253 -33.93 17.40 -2.96
N GLU A 254 -34.06 17.27 -1.64
CA GLU A 254 -33.65 18.33 -0.74
C GLU A 254 -32.13 18.46 -0.79
N VAL A 255 -31.59 19.63 -0.41
CA VAL A 255 -30.14 19.79 -0.37
C VAL A 255 -29.60 18.81 0.65
N ALA A 256 -28.53 18.11 0.26
CA ALA A 256 -27.84 17.07 0.99
C ALA A 256 -28.66 15.79 0.94
N GLY A 257 -29.78 15.84 0.25
CA GLY A 257 -30.65 14.69 0.10
C GLY A 257 -30.07 13.71 -0.88
N ALA A 258 -30.42 12.44 -0.66
CA ALA A 258 -30.07 11.37 -1.57
C ALA A 258 -31.31 10.52 -1.82
N ALA A 259 -31.39 9.96 -3.02
CA ALA A 259 -32.47 9.06 -3.44
C ALA A 259 -31.88 8.03 -4.38
N VAL A 260 -32.39 6.81 -4.33
CA VAL A 260 -31.82 5.74 -5.12
C VAL A 260 -32.74 5.22 -6.23
N SER A 261 -32.14 4.92 -7.38
CA SER A 261 -32.83 4.27 -8.49
C SER A 261 -32.03 3.02 -8.85
N ALA A 262 -32.69 2.06 -9.47
CA ALA A 262 -32.04 0.83 -9.89
C ALA A 262 -31.04 1.17 -10.99
N GLY A 263 -29.95 0.43 -11.00
CA GLY A 263 -28.86 0.62 -11.94
C GLY A 263 -29.11 -0.03 -13.27
N HIS A 264 -30.32 0.24 -13.86
CA HIS A 264 -30.73 -0.29 -15.17
C HIS A 264 -29.76 0.19 -16.22
N GLY A 265 -29.20 -0.77 -16.96
CA GLY A 265 -28.24 -0.53 -18.03
C GLY A 265 -26.81 -0.31 -17.55
N LEU A 266 -26.58 -0.37 -16.22
CA LEU A 266 -25.30 -0.13 -15.58
C LEU A 266 -24.76 -1.37 -14.83
N PRO A 267 -23.41 -1.47 -14.77
CA PRO A 267 -22.70 -2.38 -13.85
C PRO A 267 -23.14 -2.27 -12.40
N ALA A 268 -23.33 -1.03 -11.92
CA ALA A 268 -23.80 -0.73 -10.58
C ALA A 268 -25.23 -1.22 -10.41
N LYS A 269 -25.51 -1.76 -9.22
CA LYS A 269 -26.84 -2.29 -8.93
C LYS A 269 -27.80 -1.14 -8.68
N PHE A 270 -27.29 -0.06 -8.08
CA PHE A 270 -28.08 1.10 -7.74
C PHE A 270 -27.35 2.37 -8.01
N VAL A 271 -28.12 3.42 -8.26
CA VAL A 271 -27.58 4.75 -8.46
C VAL A 271 -28.13 5.58 -7.36
N ILE A 272 -27.25 6.13 -6.54
CA ILE A 272 -27.65 6.99 -5.45
C ILE A 272 -27.45 8.40 -5.91
N HIS A 273 -28.55 9.11 -6.09
CA HIS A 273 -28.58 10.47 -6.58
C HIS A 273 -28.51 11.37 -5.39
N CYS A 274 -27.58 12.31 -5.41
CA CYS A 274 -27.49 13.20 -4.29
C CYS A 274 -27.49 14.64 -4.70
N ASN A 275 -28.02 15.49 -3.83
CA ASN A 275 -28.03 16.90 -4.09
C ASN A 275 -27.06 17.59 -3.18
N SER A 276 -25.82 17.72 -3.64
CA SER A 276 -24.80 18.39 -2.85
C SER A 276 -25.13 19.86 -2.65
N PRO A 277 -24.74 20.43 -1.50
CA PRO A 277 -24.86 21.89 -1.35
C PRO A 277 -23.85 22.58 -2.27
N VAL A 278 -24.03 23.88 -2.44
CA VAL A 278 -23.12 24.68 -3.21
C VAL A 278 -22.19 25.34 -2.23
N TRP A 279 -20.91 25.36 -2.57
CA TRP A 279 -19.88 26.01 -1.80
C TRP A 279 -20.26 27.47 -1.58
N GLY A 280 -20.27 27.89 -0.33
CA GLY A 280 -20.67 29.24 0.01
C GLY A 280 -22.01 29.27 0.71
N ALA A 281 -22.83 28.20 0.53
CA ALA A 281 -24.09 28.09 1.26
C ALA A 281 -23.75 28.12 2.74
N ASP A 282 -24.62 28.72 3.54
CA ASP A 282 -24.38 28.93 4.97
C ASP A 282 -23.78 27.74 5.68
N LYS A 283 -24.35 26.55 5.47
CA LYS A 283 -23.84 25.35 6.10
C LYS A 283 -23.36 24.38 5.05
N CYS A 284 -22.70 24.91 4.00
CA CYS A 284 -22.23 24.06 2.91
C CYS A 284 -21.36 22.92 3.38
N GLU A 285 -20.46 23.16 4.34
CA GLU A 285 -19.54 22.12 4.82
C GLU A 285 -20.29 20.99 5.51
N GLU A 286 -21.15 21.35 6.47
CA GLU A 286 -21.95 20.39 7.21
C GLU A 286 -22.88 19.63 6.27
N LEU A 287 -23.43 20.36 5.30
CA LEU A 287 -24.35 19.79 4.34
C LEU A 287 -23.66 18.81 3.41
N LEU A 288 -22.41 19.10 3.03
CA LEU A 288 -21.66 18.18 2.19
C LEU A 288 -21.42 16.89 2.96
N GLU A 289 -21.03 17.01 4.24
CA GLU A 289 -20.88 15.83 5.06
C GLU A 289 -22.20 15.07 5.14
N LYS A 290 -23.32 15.79 5.31
CA LYS A 290 -24.64 15.16 5.40
C LYS A 290 -24.96 14.45 4.12
N THR A 291 -24.60 15.05 2.98
CA THR A 291 -24.86 14.46 1.67
C THR A 291 -24.21 13.10 1.59
N VAL A 292 -22.95 13.04 1.99
CA VAL A 292 -22.16 11.82 1.96
C VAL A 292 -22.79 10.78 2.87
N LYS A 293 -23.13 11.19 4.08
CA LYS A 293 -23.73 10.27 5.02
C LYS A 293 -25.06 9.75 4.51
N ASN A 294 -25.84 10.61 3.84
CA ASN A 294 -27.12 10.19 3.28
C ASN A 294 -26.93 9.15 2.21
N CYS A 295 -25.85 9.29 1.44
CA CYS A 295 -25.52 8.33 0.39
C CYS A 295 -25.19 7.01 1.02
N LEU A 296 -24.31 7.05 2.02
CA LEU A 296 -23.88 5.86 2.74
C LEU A 296 -25.06 5.17 3.39
N ALA A 297 -25.95 5.96 4.00
CA ALA A 297 -27.13 5.43 4.66
C ALA A 297 -28.02 4.72 3.67
N LEU A 298 -28.21 5.29 2.47
CA LEU A 298 -29.06 4.66 1.48
C LEU A 298 -28.44 3.37 1.03
N ALA A 299 -27.10 3.32 0.91
CA ALA A 299 -26.40 2.09 0.50
C ALA A 299 -26.56 1.03 1.58
N ASP A 300 -26.45 1.43 2.84
CA ASP A 300 -26.65 0.51 3.95
C ASP A 300 -28.07 0.06 4.06
N ASP A 301 -29.02 0.92 3.69
CA ASP A 301 -30.44 0.59 3.71
C ASP A 301 -30.72 -0.58 2.77
N LYS A 302 -29.97 -0.66 1.66
CA LYS A 302 -30.09 -1.74 0.68
C LYS A 302 -29.06 -2.84 0.93
N LYS A 303 -28.37 -2.78 2.08
CA LYS A 303 -27.37 -3.76 2.51
C LYS A 303 -26.27 -3.91 1.46
N LEU A 304 -25.88 -2.80 0.84
CA LEU A 304 -24.86 -2.82 -0.19
C LEU A 304 -23.48 -2.94 0.39
N LYS A 305 -22.60 -3.63 -0.31
CA LYS A 305 -21.24 -3.91 0.14
C LYS A 305 -20.25 -2.90 -0.36
N SER A 306 -20.60 -2.19 -1.42
CA SER A 306 -19.70 -1.22 -2.00
C SER A 306 -20.44 -0.06 -2.59
N ILE A 307 -19.77 1.06 -2.58
CA ILE A 307 -20.31 2.30 -3.11
C ILE A 307 -19.18 3.07 -3.76
N ALA A 308 -19.47 3.62 -4.94
CA ALA A 308 -18.51 4.41 -5.66
C ALA A 308 -18.96 5.85 -5.69
N PHE A 309 -18.06 6.72 -5.29
CA PHE A 309 -18.22 8.15 -5.29
C PHE A 309 -17.35 8.82 -6.32
N PRO A 310 -17.93 9.80 -7.01
CA PRO A 310 -17.10 10.71 -7.81
C PRO A 310 -16.72 11.88 -6.86
N SER A 311 -16.17 12.99 -7.38
CA SER A 311 -15.80 14.12 -6.53
C SER A 311 -16.99 15.01 -6.23
N ILE A 312 -17.76 14.62 -5.22
CA ILE A 312 -18.94 15.37 -4.82
C ILE A 312 -18.55 16.78 -4.40
N GLY A 313 -19.31 17.75 -4.88
CA GLY A 313 -19.19 19.16 -4.50
C GLY A 313 -18.16 19.98 -5.21
N SER A 314 -17.11 19.35 -5.73
CA SER A 314 -16.07 20.14 -6.37
C SER A 314 -16.23 20.29 -7.86
N GLY A 315 -17.38 19.90 -8.37
CA GLY A 315 -17.72 20.15 -9.76
C GLY A 315 -18.30 21.55 -9.82
N ARG A 316 -19.47 21.66 -10.46
CA ARG A 316 -20.19 22.91 -10.59
C ARG A 316 -20.56 23.50 -9.24
N ASN A 317 -20.61 22.66 -8.18
CA ASN A 317 -20.95 23.10 -6.84
C ASN A 317 -19.83 23.91 -6.17
N GLY A 318 -18.67 23.96 -6.81
CA GLY A 318 -17.59 24.88 -6.46
C GLY A 318 -16.76 24.69 -5.21
N PHE A 319 -16.89 23.56 -4.52
CA PHE A 319 -16.04 23.34 -3.38
C PHE A 319 -14.62 23.19 -3.85
N PRO A 320 -13.64 23.82 -3.15
CA PRO A 320 -12.24 23.55 -3.45
C PRO A 320 -12.05 22.05 -3.28
N LYS A 321 -11.27 21.47 -4.17
CA LYS A 321 -11.12 20.03 -4.19
C LYS A 321 -10.67 19.50 -2.86
N GLN A 322 -9.69 20.18 -2.25
CA GLN A 322 -9.16 19.74 -0.98
C GLN A 322 -10.21 19.84 0.09
N THR A 323 -11.00 20.90 0.09
CA THR A 323 -12.03 21.09 1.10
C THR A 323 -13.05 19.98 1.01
N ALA A 324 -13.53 19.72 -0.20
CA ALA A 324 -14.46 18.67 -0.48
C ALA A 324 -13.88 17.36 -0.01
N ALA A 325 -12.64 17.07 -0.43
CA ALA A 325 -12.01 15.80 -0.11
C ALA A 325 -11.99 15.56 1.37
N GLN A 326 -11.50 16.56 2.11
CA GLN A 326 -11.37 16.53 3.55
C GLN A 326 -12.75 16.27 4.20
N LEU A 327 -13.81 16.97 3.74
CA LEU A 327 -15.14 16.79 4.29
C LEU A 327 -15.75 15.47 3.98
N ILE A 328 -15.57 15.01 2.74
CA ILE A 328 -16.13 13.73 2.32
C ILE A 328 -15.50 12.63 3.12
N LEU A 329 -14.15 12.65 3.21
CA LEU A 329 -13.42 11.62 3.93
C LEU A 329 -13.79 11.65 5.41
N LYS A 330 -13.97 12.87 5.95
CA LYS A 330 -14.37 13.07 7.34
C LYS A 330 -15.75 12.47 7.56
N ALA A 331 -16.69 12.71 6.63
CA ALA A 331 -18.05 12.19 6.69
C ALA A 331 -18.03 10.68 6.65
N ILE A 332 -17.20 10.11 5.77
CA ILE A 332 -17.11 8.67 5.64
C ILE A 332 -16.61 8.05 6.94
N SER A 333 -15.51 8.61 7.46
CA SER A 333 -14.91 8.16 8.71
C SER A 333 -15.95 8.23 9.82
N SER A 334 -16.60 9.38 9.95
CA SER A 334 -17.63 9.58 10.94
C SER A 334 -18.77 8.58 10.80
N TYR A 335 -19.24 8.38 9.57
CA TYR A 335 -20.34 7.48 9.31
C TYR A 335 -20.02 6.09 9.83
N PHE A 336 -18.86 5.56 9.45
CA PHE A 336 -18.50 4.20 9.83
C PHE A 336 -18.27 4.00 11.32
N VAL A 337 -17.87 5.06 12.06
CA VAL A 337 -17.64 4.93 13.50
C VAL A 337 -18.96 5.08 14.25
N SER A 338 -20.00 5.50 13.53
CA SER A 338 -21.30 5.80 14.08
C SER A 338 -22.34 4.75 13.74
N THR A 339 -22.03 3.87 12.80
CA THR A 339 -22.96 2.91 12.26
C THR A 339 -22.36 1.53 12.29
N MET A 340 -22.64 0.77 13.36
CA MET A 340 -22.08 -0.55 13.51
C MET A 340 -22.67 -1.60 12.59
N SER A 341 -23.91 -1.39 12.15
CA SER A 341 -24.56 -2.37 11.29
C SER A 341 -24.26 -2.15 9.82
N SER A 342 -23.39 -1.17 9.52
CA SER A 342 -23.05 -0.89 8.14
C SER A 342 -22.55 -2.12 7.45
N SER A 343 -23.08 -2.37 6.25
CA SER A 343 -22.76 -3.49 5.40
C SER A 343 -21.69 -3.07 4.37
N ILE A 344 -21.42 -1.76 4.25
CA ILE A 344 -20.47 -1.26 3.27
C ILE A 344 -19.07 -1.66 3.64
N LYS A 345 -18.46 -2.45 2.78
CA LYS A 345 -17.09 -2.88 3.02
C LYS A 345 -16.09 -2.04 2.21
N THR A 346 -16.52 -1.55 1.05
CA THR A 346 -15.64 -0.79 0.19
C THR A 346 -16.28 0.46 -0.28
N VAL A 347 -15.51 1.52 -0.19
CA VAL A 347 -15.86 2.82 -0.70
C VAL A 347 -14.84 3.17 -1.75
N TYR A 348 -15.32 3.34 -2.97
CA TYR A 348 -14.50 3.75 -4.10
C TYR A 348 -14.65 5.21 -4.32
N PHE A 349 -13.54 5.86 -4.58
CA PHE A 349 -13.48 7.22 -4.98
C PHE A 349 -12.99 7.06 -6.41
N VAL A 350 -13.88 7.30 -7.39
CA VAL A 350 -13.56 7.14 -8.79
C VAL A 350 -13.29 8.53 -9.35
N LEU A 351 -11.97 8.83 -9.54
CA LEU A 351 -11.43 10.12 -9.92
C LEU A 351 -11.00 10.17 -11.37
N PHE A 352 -11.18 11.37 -11.91
CA PHE A 352 -11.05 11.80 -13.29
C PHE A 352 -9.72 12.47 -13.57
N ASP A 353 -9.35 13.50 -12.79
CA ASP A 353 -8.11 14.22 -13.04
C ASP A 353 -7.03 13.93 -12.00
N SER A 354 -5.77 14.07 -12.44
CA SER A 354 -4.57 13.87 -11.64
C SER A 354 -4.57 14.68 -10.37
N GLU A 355 -4.94 15.96 -10.47
CA GLU A 355 -4.94 16.81 -9.30
C GLU A 355 -5.85 16.28 -8.23
N SER A 356 -7.08 15.92 -8.60
CA SER A 356 -8.04 15.38 -7.67
C SER A 356 -7.54 14.07 -7.08
N ILE A 357 -6.94 13.23 -7.93
CA ILE A 357 -6.36 11.98 -7.45
C ILE A 357 -5.35 12.26 -6.33
N GLY A 358 -4.42 13.17 -6.60
CA GLY A 358 -3.40 13.56 -5.65
C GLY A 358 -3.97 14.11 -4.37
N ILE A 359 -5.02 14.95 -4.49
CA ILE A 359 -5.67 15.54 -3.33
C ILE A 359 -6.27 14.45 -2.48
N TYR A 360 -7.01 13.54 -3.11
CA TYR A 360 -7.65 12.46 -2.39
C TYR A 360 -6.65 11.51 -1.78
N VAL A 361 -5.57 11.14 -2.50
CA VAL A 361 -4.50 10.27 -2.00
C VAL A 361 -3.85 10.86 -0.74
N GLN A 362 -3.70 12.20 -0.69
CA GLN A 362 -3.14 12.94 0.45
C GLN A 362 -4.11 12.96 1.63
N GLU A 363 -5.36 13.36 1.38
CA GLU A 363 -6.39 13.44 2.42
C GLU A 363 -6.70 12.09 3.02
N MET A 364 -6.83 11.09 2.18
CA MET A 364 -7.16 9.73 2.57
C MET A 364 -6.12 9.18 3.53
N ALA A 365 -4.84 9.50 3.31
CA ALA A 365 -3.75 9.07 4.15
C ALA A 365 -3.81 9.67 5.55
N LYS A 366 -4.46 10.84 5.68
CA LYS A 366 -4.64 11.51 6.96
C LYS A 366 -5.71 10.83 7.85
N LEU A 367 -6.50 9.86 7.28
CA LEU A 367 -7.48 9.10 8.05
C LEU A 367 -6.67 8.01 8.76
N GLU A 368 -6.41 8.22 10.07
CA GLU A 368 -5.59 7.35 10.94
C GLU A 368 -4.13 7.42 10.48
N HIS A 369 -3.35 8.33 11.07
CA HIS A 369 -1.94 8.54 10.70
C HIS A 369 -0.92 8.20 11.81
N HIS A 370 0.21 7.61 11.40
CA HIS A 370 1.34 7.23 12.26
C HIS A 370 2.67 7.81 11.72
N HIS A 371 3.74 7.82 12.56
CA HIS A 371 5.06 8.35 12.20
C HIS A 371 5.78 7.49 11.16
N PHE B 3 -33.05 -18.43 9.89
CA PHE B 3 -33.24 -19.34 11.02
C PHE B 3 -32.56 -18.77 12.28
N GLY B 4 -32.83 -19.36 13.45
CA GLY B 4 -32.24 -18.97 14.74
C GLY B 4 -30.76 -19.26 14.84
N GLU B 5 -30.32 -20.43 14.31
CA GLU B 5 -28.94 -20.90 14.27
C GLU B 5 -28.13 -20.25 13.12
N HIS B 6 -28.81 -19.93 11.98
CA HIS B 6 -28.22 -19.27 10.80
C HIS B 6 -27.76 -17.84 11.15
N LEU B 7 -28.62 -17.06 11.87
CA LEU B 7 -28.33 -15.70 12.32
C LEU B 7 -27.30 -15.73 13.47
N SER B 8 -27.30 -16.84 14.28
CA SER B 8 -26.38 -17.07 15.39
C SER B 8 -24.92 -17.22 14.92
N LYS B 9 -24.69 -17.86 13.74
CA LYS B 9 -23.35 -18.07 13.15
C LYS B 9 -22.68 -16.76 12.66
N SER B 10 -23.43 -15.63 12.57
CA SER B 10 -22.91 -14.30 12.19
C SER B 10 -22.42 -13.52 13.44
N LEU B 11 -21.87 -14.24 14.45
CA LEU B 11 -21.35 -13.69 15.70
C LEU B 11 -19.84 -13.36 15.64
N ILE B 12 -19.31 -12.65 16.67
CA ILE B 12 -17.89 -12.28 16.78
C ILE B 12 -17.13 -13.55 17.19
N ARG B 13 -16.49 -14.24 16.22
CA ARG B 13 -15.74 -15.50 16.38
C ARG B 13 -14.63 -15.47 17.48
N GLN B 14 -14.14 -14.26 17.84
CA GLN B 14 -13.12 -14.05 18.87
C GLN B 14 -13.66 -14.40 20.28
N TYR B 15 -14.98 -14.21 20.51
CA TYR B 15 -15.68 -14.49 21.78
C TYR B 15 -16.82 -15.56 21.64
N SER B 16 -16.67 -16.52 20.68
CA SER B 16 -17.63 -17.60 20.34
C SER B 16 -18.15 -18.43 21.52
N TYR B 17 -17.30 -18.70 22.53
CA TYR B 17 -17.64 -19.48 23.72
C TYR B 17 -18.67 -18.79 24.63
N TYR B 18 -18.46 -17.49 24.91
CA TYR B 18 -19.28 -16.66 25.80
C TYR B 18 -20.71 -16.40 25.27
N TYR B 19 -20.98 -16.66 23.96
CA TYR B 19 -22.32 -16.52 23.35
C TYR B 19 -23.29 -17.62 23.85
N ILE B 20 -24.62 -17.37 23.75
CA ILE B 20 -25.68 -18.31 24.19
C ILE B 20 -25.68 -19.61 23.38
N SER B 21 -25.68 -20.77 24.07
CA SER B 21 -25.71 -22.10 23.43
C SER B 21 -27.15 -22.44 22.97
N TYR B 22 -27.65 -21.68 21.97
CA TYR B 22 -29.00 -21.79 21.38
C TYR B 22 -29.30 -23.19 20.87
N ASP B 23 -28.36 -23.78 20.09
CA ASP B 23 -28.48 -25.13 19.53
C ASP B 23 -28.52 -26.22 20.63
N ASP B 24 -27.68 -26.07 21.69
CA ASP B 24 -27.61 -26.98 22.84
C ASP B 24 -28.90 -26.92 23.69
N LEU B 25 -29.45 -25.69 23.91
CA LEU B 25 -30.70 -25.49 24.66
C LEU B 25 -31.93 -25.95 23.84
N LYS B 26 -31.86 -25.84 22.49
CA LYS B 26 -32.92 -26.28 21.55
C LYS B 26 -33.03 -27.80 21.55
N THR B 27 -31.87 -28.51 21.48
CA THR B 27 -31.78 -29.98 21.52
C THR B 27 -32.22 -30.53 22.89
N GLU B 28 -31.84 -29.83 24.00
CA GLU B 28 -32.20 -30.19 25.38
C GLU B 28 -33.71 -30.26 25.58
N LEU B 29 -34.47 -29.35 24.93
CA LEU B 29 -35.93 -29.30 24.97
C LEU B 29 -36.53 -30.48 24.19
N GLU B 30 -36.13 -30.65 22.90
CA GLU B 30 -36.61 -31.70 21.98
C GLU B 30 -36.30 -33.13 22.46
N ASP B 31 -35.06 -33.39 22.95
CA ASP B 31 -34.64 -34.71 23.46
C ASP B 31 -35.38 -35.11 24.75
N ASN B 32 -35.62 -34.13 25.66
CA ASN B 32 -36.38 -34.36 26.91
C ASN B 32 -37.88 -34.50 26.62
N LEU B 33 -38.38 -33.88 25.51
CA LEU B 33 -39.78 -33.96 25.06
C LEU B 33 -40.02 -35.29 24.32
N SER B 34 -38.94 -35.90 23.74
CA SER B 34 -39.00 -37.20 23.06
C SER B 34 -39.24 -38.29 24.11
N LYS B 35 -38.55 -38.19 25.28
CA LYS B 35 -38.59 -39.15 26.38
C LYS B 35 -39.81 -39.11 27.32
N ASN B 36 -40.03 -38.03 28.12
CA ASN B 36 -41.12 -37.93 29.13
C ASN B 36 -42.57 -37.94 28.53
N ASN B 37 -42.74 -38.46 27.28
CA ASN B 37 -43.96 -38.60 26.47
C ASN B 37 -44.65 -37.23 26.20
N GLY B 38 -43.95 -36.35 25.48
CA GLY B 38 -44.39 -35.00 25.11
C GLY B 38 -44.93 -34.11 26.23
N GLN B 39 -44.62 -34.43 27.52
CA GLN B 39 -45.13 -33.68 28.67
C GLN B 39 -44.01 -33.15 29.59
N TRP B 40 -43.76 -31.82 29.56
CA TRP B 40 -42.74 -31.14 30.36
C TRP B 40 -43.15 -30.93 31.82
N THR B 41 -42.80 -31.91 32.67
CA THR B 41 -43.08 -31.93 34.11
C THR B 41 -42.24 -30.88 34.89
N GLN B 42 -42.54 -30.68 36.22
CA GLN B 42 -41.83 -29.75 37.12
C GLN B 42 -40.35 -30.12 37.28
N GLU B 43 -40.03 -31.44 37.32
CA GLU B 43 -38.67 -31.97 37.42
C GLU B 43 -37.88 -31.65 36.13
N LEU B 44 -38.56 -31.73 34.96
CA LEU B 44 -38.00 -31.41 33.63
C LEU B 44 -37.78 -29.90 33.48
N GLU B 45 -38.63 -29.08 34.15
CA GLU B 45 -38.56 -27.61 34.16
C GLU B 45 -37.32 -27.10 34.94
N THR B 46 -37.03 -27.71 36.12
CA THR B 46 -35.87 -27.36 36.96
C THR B 46 -34.55 -27.59 36.21
N ASP B 47 -34.42 -28.74 35.51
CA ASP B 47 -33.26 -29.14 34.70
C ASP B 47 -32.98 -28.15 33.55
N PHE B 48 -34.06 -27.65 32.89
CA PHE B 48 -33.96 -26.66 31.80
C PHE B 48 -33.60 -25.28 32.36
N LEU B 49 -34.23 -24.87 33.50
CA LEU B 49 -33.98 -23.57 34.15
C LEU B 49 -32.54 -23.51 34.71
N GLU B 50 -31.98 -24.68 35.15
CA GLU B 50 -30.60 -24.79 35.65
C GLU B 50 -29.60 -24.58 34.52
N SER B 51 -29.91 -25.12 33.31
CA SER B 51 -29.10 -24.97 32.10
C SER B 51 -29.09 -23.52 31.60
N LEU B 52 -30.26 -22.81 31.70
CA LEU B 52 -30.42 -21.40 31.33
C LEU B 52 -29.61 -20.51 32.27
N GLU B 53 -29.55 -20.87 33.58
CA GLU B 53 -28.81 -20.16 34.62
C GLU B 53 -27.30 -20.23 34.38
N ILE B 54 -26.78 -21.38 33.86
CA ILE B 54 -25.35 -21.57 33.52
C ILE B 54 -25.02 -20.65 32.33
N GLU B 55 -25.93 -20.59 31.34
CA GLU B 55 -25.82 -19.74 30.13
C GLU B 55 -25.88 -18.25 30.47
N LEU B 56 -26.87 -17.85 31.32
CA LEU B 56 -27.07 -16.47 31.78
C LEU B 56 -25.88 -15.96 32.55
N ASP B 57 -25.33 -16.77 33.51
CA ASP B 57 -24.15 -16.44 34.33
C ASP B 57 -22.91 -16.23 33.45
N LYS B 58 -22.75 -17.05 32.38
CA LYS B 58 -21.66 -16.97 31.41
C LYS B 58 -21.72 -15.64 30.61
N VAL B 59 -22.91 -15.31 30.05
CA VAL B 59 -23.16 -14.09 29.27
C VAL B 59 -23.08 -12.82 30.16
N TYR B 60 -23.73 -12.83 31.36
CA TYR B 60 -23.74 -11.71 32.32
C TYR B 60 -22.36 -11.35 32.83
N THR B 61 -21.50 -12.35 33.22
CA THR B 61 -20.14 -12.10 33.73
C THR B 61 -19.24 -11.48 32.66
N PHE B 62 -19.32 -11.99 31.40
CA PHE B 62 -18.54 -11.48 30.26
C PHE B 62 -18.91 -10.01 29.96
N CYS B 63 -20.24 -9.70 29.96
CA CYS B 63 -20.80 -8.37 29.73
C CYS B 63 -20.37 -7.45 30.82
N LYS B 64 -20.36 -7.94 32.09
CA LYS B 64 -19.97 -7.19 33.30
C LYS B 64 -18.50 -6.84 33.27
N VAL B 65 -17.62 -7.81 32.87
CA VAL B 65 -16.16 -7.64 32.79
C VAL B 65 -15.77 -6.60 31.72
N LYS B 66 -16.30 -6.79 30.48
CA LYS B 66 -16.03 -5.90 29.34
C LYS B 66 -16.61 -4.50 29.54
N HIS B 67 -17.72 -4.38 30.34
CA HIS B 67 -18.40 -3.11 30.69
C HIS B 67 -17.49 -2.25 31.53
N SER B 68 -16.83 -2.86 32.54
CA SER B 68 -15.91 -2.22 33.45
C SER B 68 -14.64 -1.76 32.74
N GLU B 69 -14.21 -2.54 31.70
CA GLU B 69 -13.00 -2.25 30.91
C GLU B 69 -13.17 -0.96 30.09
N VAL B 70 -14.27 -0.87 29.29
CA VAL B 70 -14.57 0.26 28.41
C VAL B 70 -14.85 1.53 29.22
N PHE B 71 -15.58 1.42 30.36
CA PHE B 71 -15.91 2.56 31.22
C PHE B 71 -14.71 3.12 31.95
N ARG B 72 -13.69 2.27 32.22
CA ARG B 72 -12.44 2.68 32.86
C ARG B 72 -11.57 3.40 31.81
N ARG B 73 -11.50 2.83 30.56
CA ARG B 73 -10.74 3.37 29.43
C ARG B 73 -11.22 4.76 29.02
N VAL B 74 -12.56 5.02 29.06
CA VAL B 74 -13.19 6.32 28.73
C VAL B 74 -12.85 7.32 29.85
N LYS B 75 -13.01 6.92 31.14
CA LYS B 75 -12.72 7.75 32.32
C LYS B 75 -11.26 8.26 32.32
N GLU B 76 -10.32 7.37 31.89
CA GLU B 76 -8.88 7.68 31.79
C GLU B 76 -8.57 8.66 30.64
N VAL B 77 -9.12 8.40 29.42
CA VAL B 77 -8.92 9.25 28.22
C VAL B 77 -9.65 10.59 28.36
N GLN B 78 -10.75 10.66 29.17
CA GLN B 78 -11.52 11.89 29.45
C GLN B 78 -10.61 12.86 30.21
N GLU B 79 -9.81 12.33 31.17
CA GLU B 79 -8.85 13.08 31.96
C GLU B 79 -7.66 13.49 31.06
N GLN B 80 -7.24 12.57 30.14
CA GLN B 80 -6.14 12.77 29.18
C GLN B 80 -6.45 13.87 28.14
N VAL B 81 -7.69 13.88 27.57
CA VAL B 81 -8.11 14.90 26.58
C VAL B 81 -8.27 16.27 27.25
N GLN B 82 -8.78 16.31 28.51
CA GLN B 82 -8.94 17.54 29.31
C GLN B 82 -7.59 18.20 29.60
N HIS B 83 -6.52 17.37 29.78
CA HIS B 83 -5.15 17.84 30.01
C HIS B 83 -4.56 18.44 28.73
N THR B 84 -4.67 17.70 27.57
CA THR B 84 -4.15 18.15 26.26
C THR B 84 -4.84 19.44 25.76
N VAL B 85 -6.18 19.58 25.98
CA VAL B 85 -6.96 20.78 25.60
C VAL B 85 -6.47 21.99 26.42
N ARG B 86 -6.21 21.77 27.74
CA ARG B 86 -5.68 22.79 28.67
C ARG B 86 -4.23 23.19 28.30
N LEU B 87 -3.49 22.29 27.59
CA LEU B 87 -2.10 22.51 27.12
C LEU B 87 -2.03 23.30 25.80
N LEU B 88 -3.15 23.41 25.04
CA LEU B 88 -3.22 24.15 23.76
C LEU B 88 -3.13 25.67 24.00
N ASP B 89 -3.68 26.12 25.15
CA ASP B 89 -3.70 27.51 25.60
C ASP B 89 -2.37 27.84 26.27
N SER B 90 -2.06 29.16 26.38
CA SER B 90 -0.84 29.72 26.99
C SER B 90 0.46 29.19 26.33
N ASN B 91 1.59 29.19 27.08
CA ASN B 91 2.90 28.72 26.59
C ASN B 91 3.18 27.26 27.01
N ASN B 92 2.48 26.31 26.36
CA ASN B 92 2.61 24.86 26.58
C ASN B 92 2.43 24.09 25.26
N PRO B 93 3.46 23.31 24.92
CA PRO B 93 3.33 22.40 23.77
C PRO B 93 2.49 21.16 24.07
N PRO B 94 1.49 20.91 23.21
CA PRO B 94 0.70 19.66 23.32
C PRO B 94 1.34 18.44 22.66
N THR B 95 2.14 18.66 21.58
CA THR B 95 2.86 17.66 20.76
C THR B 95 1.89 16.81 19.91
N GLN B 96 2.11 16.79 18.57
CA GLN B 96 1.30 16.07 17.58
C GLN B 96 1.18 14.56 17.87
N LEU B 97 2.29 13.93 18.33
CA LEU B 97 2.35 12.51 18.69
C LEU B 97 1.48 12.19 19.93
N ASP B 98 1.45 13.11 20.93
CA ASP B 98 0.66 12.97 22.17
C ASP B 98 -0.84 12.89 21.89
N PHE B 99 -1.34 13.62 20.86
CA PHE B 99 -2.74 13.60 20.43
C PHE B 99 -3.02 12.36 19.57
N GLU B 100 -1.99 11.85 18.85
CA GLU B 100 -2.09 10.65 18.01
C GLU B 100 -2.30 9.39 18.86
N ILE B 101 -1.63 9.33 20.05
CA ILE B 101 -1.73 8.23 21.03
C ILE B 101 -3.16 8.20 21.63
N LEU B 102 -3.71 9.39 22.00
CA LEU B 102 -5.07 9.55 22.54
C LEU B 102 -6.12 9.14 21.50
N GLU B 103 -5.88 9.50 20.21
CA GLU B 103 -6.73 9.16 19.05
C GLU B 103 -6.77 7.63 18.85
N GLU B 104 -5.57 6.97 18.91
CA GLU B 104 -5.40 5.52 18.76
C GLU B 104 -6.12 4.75 19.87
N GLU B 105 -6.04 5.27 21.12
CA GLU B 105 -6.68 4.69 22.30
C GLU B 105 -8.20 4.84 22.23
N LEU B 106 -8.70 6.05 21.83
CA LEU B 106 -10.13 6.33 21.69
C LEU B 106 -10.76 5.46 20.60
N SER B 107 -10.06 5.27 19.45
CA SER B 107 -10.52 4.43 18.32
C SER B 107 -10.59 2.95 18.73
N ASP B 108 -9.64 2.52 19.60
CA ASP B 108 -9.56 1.15 20.14
C ASP B 108 -10.78 0.87 21.03
N ILE B 109 -11.18 1.90 21.85
CA ILE B 109 -12.34 1.84 22.75
C ILE B 109 -13.62 1.84 21.93
N ILE B 110 -13.69 2.66 20.82
CA ILE B 110 -14.84 2.75 19.88
C ILE B 110 -15.16 1.34 19.33
N ALA B 111 -14.12 0.59 18.92
CA ALA B 111 -14.21 -0.77 18.40
C ALA B 111 -14.74 -1.75 19.48
N ASP B 112 -14.24 -1.58 20.73
CA ASP B 112 -14.61 -2.40 21.89
C ASP B 112 -16.08 -2.19 22.28
N VAL B 113 -16.58 -0.91 22.25
CA VAL B 113 -17.97 -0.53 22.54
C VAL B 113 -18.88 -1.10 21.45
N HIS B 114 -18.42 -1.04 20.18
CA HIS B 114 -19.14 -1.56 18.98
C HIS B 114 -19.38 -3.09 19.14
N ASP B 115 -18.29 -3.85 19.43
CA ASP B 115 -18.31 -5.31 19.60
C ASP B 115 -19.22 -5.73 20.77
N LEU B 116 -19.15 -4.95 21.89
CA LEU B 116 -19.90 -5.17 23.12
C LEU B 116 -21.37 -4.92 22.90
N ALA B 117 -21.74 -3.95 22.01
CA ALA B 117 -23.13 -3.62 21.68
C ALA B 117 -23.72 -4.75 20.83
N LYS B 118 -22.91 -5.30 19.89
CA LYS B 118 -23.31 -6.39 19.01
C LYS B 118 -23.54 -7.70 19.80
N PHE B 119 -22.66 -7.95 20.80
CA PHE B 119 -22.70 -9.13 21.68
C PHE B 119 -24.00 -9.17 22.51
N SER B 120 -24.33 -8.03 23.14
CA SER B 120 -25.50 -7.86 24.01
C SER B 120 -26.82 -8.01 23.27
N ARG B 121 -26.98 -7.34 22.10
CA ARG B 121 -28.22 -7.37 21.31
C ARG B 121 -28.54 -8.76 20.75
N LEU B 122 -27.49 -9.52 20.34
CA LEU B 122 -27.64 -10.88 19.77
C LEU B 122 -28.02 -11.88 20.87
N ASN B 123 -27.34 -11.81 22.04
CA ASN B 123 -27.58 -12.69 23.18
C ASN B 123 -28.97 -12.45 23.80
N TYR B 124 -29.42 -11.16 23.88
CA TYR B 124 -30.74 -10.76 24.41
C TYR B 124 -31.83 -11.39 23.52
N THR B 125 -31.68 -11.25 22.17
CA THR B 125 -32.57 -11.82 21.16
C THR B 125 -32.57 -13.36 21.26
N GLY B 126 -31.39 -13.95 21.48
CA GLY B 126 -31.17 -15.38 21.65
C GLY B 126 -31.93 -15.96 22.84
N PHE B 127 -31.93 -15.21 23.97
CA PHE B 127 -32.65 -15.59 25.20
C PHE B 127 -34.16 -15.47 25.04
N GLN B 128 -34.63 -14.39 24.35
CA GLN B 128 -36.05 -14.16 24.08
C GLN B 128 -36.61 -15.20 23.09
N LYS B 129 -35.78 -15.64 22.10
CA LYS B 129 -36.16 -16.65 21.09
C LYS B 129 -36.24 -18.07 21.67
N ILE B 130 -35.29 -18.47 22.57
CA ILE B 130 -35.29 -19.79 23.23
C ILE B 130 -36.49 -19.96 24.20
N ILE B 131 -36.90 -18.85 24.89
CA ILE B 131 -38.06 -18.81 25.80
C ILE B 131 -39.37 -18.87 24.97
N LYS B 132 -39.39 -18.21 23.77
CA LYS B 132 -40.50 -18.20 22.81
C LYS B 132 -40.74 -19.63 22.30
N LYS B 133 -39.64 -20.38 22.03
CA LYS B 133 -39.67 -21.78 21.60
C LYS B 133 -40.06 -22.70 22.76
N HIS B 134 -39.65 -22.34 24.01
CA HIS B 134 -39.99 -23.08 25.24
C HIS B 134 -41.52 -23.02 25.49
N ASP B 135 -42.12 -21.81 25.41
CA ASP B 135 -43.56 -21.60 25.60
C ASP B 135 -44.43 -22.21 24.48
N LYS B 136 -43.82 -22.50 23.30
CA LYS B 136 -44.47 -23.10 22.13
C LYS B 136 -44.39 -24.64 22.15
N LYS B 137 -43.17 -25.22 22.36
CA LYS B 137 -42.92 -26.67 22.43
C LYS B 137 -43.35 -27.30 23.77
N THR B 138 -43.40 -26.48 24.86
CA THR B 138 -43.80 -26.91 26.22
C THR B 138 -44.95 -26.01 26.74
N GLY B 139 -45.89 -26.62 27.46
CA GLY B 139 -47.05 -25.94 28.05
C GLY B 139 -46.73 -24.85 29.06
N PHE B 140 -45.61 -25.00 29.82
CA PHE B 140 -45.13 -24.05 30.83
C PHE B 140 -44.71 -22.72 30.18
N ILE B 141 -45.17 -21.58 30.77
CA ILE B 141 -44.89 -20.22 30.29
C ILE B 141 -43.77 -19.55 31.10
N LEU B 142 -42.70 -19.10 30.41
CA LEU B 142 -41.53 -18.43 31.01
C LEU B 142 -41.30 -16.99 30.45
N LYS B 143 -42.18 -16.52 29.51
CA LYS B 143 -42.13 -15.18 28.90
C LYS B 143 -42.11 -14.02 29.94
N PRO B 144 -43.03 -13.95 30.95
CA PRO B 144 -42.96 -12.86 31.96
C PRO B 144 -41.76 -12.95 32.90
N VAL B 145 -41.23 -14.17 33.11
CA VAL B 145 -40.08 -14.47 33.98
C VAL B 145 -38.77 -13.85 33.47
N PHE B 146 -38.40 -14.14 32.20
CA PHE B 146 -37.16 -13.67 31.58
C PHE B 146 -37.24 -12.27 30.94
N GLN B 147 -38.45 -11.78 30.55
CA GLN B 147 -38.57 -10.41 29.99
C GLN B 147 -38.40 -9.34 31.07
N VAL B 148 -38.80 -9.65 32.33
CA VAL B 148 -38.66 -8.78 33.50
C VAL B 148 -37.22 -8.82 34.03
N ARG B 149 -36.63 -10.04 34.18
CA ARG B 149 -35.27 -10.28 34.65
C ARG B 149 -34.16 -9.72 33.74
N LEU B 150 -34.42 -9.58 32.41
CA LEU B 150 -33.45 -9.05 31.45
C LEU B 150 -33.61 -7.56 31.12
N ASP B 151 -34.84 -7.00 31.19
CA ASP B 151 -35.08 -5.56 30.94
C ASP B 151 -34.44 -4.75 32.08
N SER B 152 -34.66 -5.21 33.32
CA SER B 152 -34.14 -4.65 34.56
C SER B 152 -32.92 -5.45 34.99
N LYS B 153 -32.31 -4.99 36.12
CA LYS B 153 -31.11 -5.55 36.76
C LYS B 153 -29.92 -5.51 35.79
N PRO B 154 -29.83 -4.37 35.09
CA PRO B 154 -29.52 -4.42 33.67
C PRO B 154 -28.08 -3.99 33.47
N PHE B 155 -27.22 -4.95 33.09
CA PHE B 155 -25.81 -4.69 32.82
C PHE B 155 -25.68 -3.94 31.49
N PHE B 156 -26.68 -4.13 30.61
CA PHE B 156 -26.76 -3.53 29.30
C PHE B 156 -28.07 -2.75 29.13
N LYS B 157 -27.99 -1.61 28.45
CA LYS B 157 -29.14 -0.75 28.15
C LYS B 157 -29.06 -0.28 26.69
N GLU B 158 -30.10 0.41 26.20
CA GLU B 158 -30.20 0.95 24.83
C GLU B 158 -29.18 2.08 24.58
N ASN B 159 -28.60 2.62 25.68
CA ASN B 159 -27.63 3.73 25.73
C ASN B 159 -26.29 3.45 25.04
N TYR B 160 -26.07 2.22 24.50
CA TYR B 160 -24.82 1.88 23.80
C TYR B 160 -24.60 2.80 22.60
N ASP B 161 -25.70 3.15 21.90
CA ASP B 161 -25.72 4.06 20.74
C ASP B 161 -25.43 5.49 21.19
N GLU B 162 -25.83 5.86 22.43
CA GLU B 162 -25.61 7.18 23.04
C GLU B 162 -24.18 7.30 23.57
N LEU B 163 -23.57 6.17 24.00
CA LEU B 163 -22.20 6.09 24.50
C LEU B 163 -21.24 6.43 23.37
N VAL B 164 -21.60 5.99 22.14
CA VAL B 164 -20.88 6.23 20.89
C VAL B 164 -20.75 7.75 20.67
N VAL B 165 -21.90 8.46 20.63
CA VAL B 165 -22.01 9.91 20.41
C VAL B 165 -21.12 10.72 21.38
N LYS B 166 -21.07 10.30 22.67
CA LYS B 166 -20.26 10.94 23.70
C LYS B 166 -18.76 10.73 23.47
N ILE B 167 -18.36 9.50 23.05
CA ILE B 167 -16.97 9.15 22.77
C ILE B 167 -16.49 9.79 21.46
N SER B 168 -17.36 9.83 20.43
CA SER B 168 -17.16 10.38 19.08
C SER B 168 -16.69 11.84 19.08
N GLN B 169 -17.25 12.66 20.00
CA GLN B 169 -16.90 14.07 20.17
C GLN B 169 -15.44 14.23 20.58
N LEU B 170 -14.95 13.33 21.46
CA LEU B 170 -13.58 13.32 21.95
C LEU B 170 -12.56 13.04 20.83
N TYR B 171 -12.91 12.17 19.85
CA TYR B 171 -12.06 11.82 18.69
C TYR B 171 -11.85 13.02 17.77
N ASP B 172 -12.92 13.82 17.55
CA ASP B 172 -12.90 15.03 16.73
C ASP B 172 -11.99 16.11 17.35
N ILE B 173 -11.93 16.19 18.71
CA ILE B 173 -11.07 17.11 19.46
C ILE B 173 -9.60 16.80 19.18
N ALA B 174 -9.23 15.49 19.22
CA ALA B 174 -7.88 14.99 18.93
C ALA B 174 -7.51 15.20 17.44
N ARG B 175 -8.52 15.12 16.53
CA ARG B 175 -8.35 15.31 15.08
C ARG B 175 -8.13 16.79 14.71
N THR B 176 -9.05 17.69 15.17
CA THR B 176 -9.01 19.13 14.90
C THR B 176 -7.81 19.85 15.53
N SER B 177 -7.47 19.54 16.82
CA SER B 177 -6.35 20.15 17.54
C SER B 177 -4.96 19.83 16.94
N GLY B 178 -4.86 18.67 16.27
CA GLY B 178 -3.64 18.23 15.60
C GLY B 178 -3.49 18.87 14.24
N ALA B 179 -3.16 20.19 14.22
CA ALA B 179 -2.98 21.00 13.00
C ALA B 179 -1.54 20.96 12.45
N GLY B 180 -0.55 21.17 13.32
CA GLY B 180 0.87 21.14 12.96
C GLY B 180 1.42 19.74 12.95
N SER B 181 0.94 18.91 12.00
CA SER B 181 1.34 17.52 11.86
C SER B 181 1.95 17.23 10.49
N ASP B 182 1.64 16.04 9.92
CA ASP B 182 2.10 15.52 8.63
C ASP B 182 3.63 15.34 8.56
N GLY B 183 4.07 14.13 8.90
CA GLY B 183 5.46 13.72 8.85
C GLY B 183 5.66 12.81 7.65
N PHE B 184 6.43 11.73 7.84
CA PHE B 184 6.66 10.75 6.78
C PHE B 184 5.38 9.92 6.66
N THR B 185 5.05 9.50 5.43
CA THR B 185 3.90 8.66 5.11
C THR B 185 4.03 8.17 3.69
N VAL B 186 4.05 6.84 3.45
CA VAL B 186 4.07 6.37 2.07
C VAL B 186 2.65 6.56 1.57
N LEU B 187 2.50 7.21 0.41
CA LEU B 187 1.23 7.51 -0.23
C LEU B 187 0.86 6.45 -1.22
N SER B 188 1.85 5.82 -1.85
CA SER B 188 1.62 4.79 -2.84
C SER B 188 2.83 3.94 -2.96
N THR B 189 2.62 2.64 -3.14
CA THR B 189 3.72 1.70 -3.37
C THR B 189 3.45 0.91 -4.63
N LYS B 190 4.48 0.74 -5.44
CA LYS B 190 4.44 -0.14 -6.59
C LYS B 190 5.63 -1.05 -6.42
N SER B 191 5.36 -2.34 -6.25
CA SER B 191 6.41 -3.33 -6.15
C SER B 191 6.66 -3.89 -7.52
N LEU B 192 7.88 -3.70 -8.02
CA LEU B 192 8.26 -4.17 -9.33
C LEU B 192 8.50 -5.67 -9.26
N PHE B 193 8.37 -6.34 -10.41
CA PHE B 193 8.53 -7.78 -10.49
C PHE B 193 9.85 -8.28 -9.93
N LEU B 194 10.91 -7.48 -10.05
CA LEU B 194 12.22 -7.85 -9.54
C LEU B 194 12.42 -7.42 -8.09
N GLY B 195 11.32 -7.02 -7.46
CA GLY B 195 11.23 -6.78 -6.02
C GLY B 195 11.56 -5.41 -5.50
N GLN B 196 11.85 -4.47 -6.38
CA GLN B 196 12.12 -3.11 -5.94
C GLN B 196 10.80 -2.46 -5.58
N LYS B 197 10.81 -1.65 -4.51
CA LYS B 197 9.65 -0.93 -4.00
C LYS B 197 9.78 0.48 -4.49
N LEU B 198 8.80 0.94 -5.24
CA LEU B 198 8.71 2.33 -5.71
C LEU B 198 7.65 2.97 -4.83
N GLN B 199 8.02 4.03 -4.09
CA GLN B 199 7.08 4.64 -3.17
C GLN B 199 7.05 6.12 -3.29
N VAL B 200 5.84 6.65 -3.29
CA VAL B 200 5.61 8.08 -3.31
C VAL B 200 5.40 8.54 -1.87
N VAL B 201 6.18 9.52 -1.43
CA VAL B 201 6.13 10.03 -0.06
C VAL B 201 5.99 11.53 -0.08
N GLN B 202 5.18 12.10 0.80
CA GLN B 202 5.14 13.56 0.90
C GLN B 202 5.88 13.85 2.19
N ALA B 203 7.14 14.32 2.08
CA ALA B 203 8.03 14.62 3.22
C ALA B 203 9.18 15.49 2.76
N ASP B 204 9.88 16.19 3.71
CA ASP B 204 11.05 17.00 3.40
C ASP B 204 12.15 16.03 3.07
N ILE B 205 12.64 16.06 1.83
CA ILE B 205 13.67 15.13 1.34
C ILE B 205 14.90 15.11 2.21
N ALA B 206 15.30 16.26 2.77
CA ALA B 206 16.48 16.34 3.62
C ALA B 206 16.35 15.54 4.91
N SER B 207 15.12 15.31 5.36
CA SER B 207 14.85 14.59 6.60
C SER B 207 14.79 13.07 6.42
N ILE B 208 14.66 12.61 5.17
CA ILE B 208 14.51 11.20 4.83
C ILE B 208 15.82 10.47 4.98
N ASP B 209 15.83 9.43 5.81
CA ASP B 209 17.04 8.64 6.04
C ASP B 209 17.28 7.58 4.95
N SER B 210 17.01 7.95 3.68
CA SER B 210 17.26 7.12 2.52
C SER B 210 18.78 7.04 2.39
N ASP B 211 19.29 5.99 1.77
CA ASP B 211 20.74 5.88 1.66
C ASP B 211 21.30 7.01 0.81
N ALA B 212 20.55 7.34 -0.23
CA ALA B 212 20.88 8.43 -1.10
C ALA B 212 19.70 9.31 -1.29
N VAL B 213 20.00 10.59 -1.49
CA VAL B 213 19.03 11.59 -1.85
C VAL B 213 19.53 12.25 -3.12
N VAL B 214 18.63 12.46 -4.07
CA VAL B 214 18.98 13.09 -5.32
C VAL B 214 18.79 14.57 -5.23
N HIS B 215 19.85 15.29 -5.60
CA HIS B 215 19.92 16.71 -5.64
C HIS B 215 19.99 17.19 -7.09
N PRO B 216 18.85 17.65 -7.62
CA PRO B 216 18.87 18.18 -8.99
C PRO B 216 19.56 19.52 -8.98
N THR B 217 20.70 19.55 -9.65
CA THR B 217 21.54 20.71 -9.72
C THR B 217 21.76 21.03 -11.19
N ASN B 218 22.80 21.81 -11.45
CA ASN B 218 23.18 22.20 -12.78
C ASN B 218 24.63 21.79 -12.97
N THR B 219 25.25 22.23 -14.07
CA THR B 219 26.62 21.86 -14.43
C THR B 219 27.65 22.31 -13.36
N ASP B 220 27.36 23.40 -12.66
CA ASP B 220 28.25 23.98 -11.66
C ASP B 220 27.90 23.58 -10.23
N PHE B 221 27.06 22.53 -10.06
CA PHE B 221 26.63 22.02 -8.74
C PHE B 221 26.03 23.11 -7.89
N TYR B 222 25.28 24.01 -8.51
CA TYR B 222 24.62 25.07 -7.79
C TYR B 222 23.68 24.47 -6.78
N ILE B 223 23.73 24.97 -5.54
CA ILE B 223 22.89 24.51 -4.44
C ILE B 223 21.83 25.56 -4.21
N GLY B 224 20.60 25.23 -4.57
CA GLY B 224 19.47 26.12 -4.40
C GLY B 224 18.18 25.43 -4.73
N GLY B 225 17.14 26.23 -4.91
CA GLY B 225 15.81 25.70 -5.20
C GLY B 225 15.30 24.94 -4.00
N GLU B 226 14.11 24.35 -4.13
CA GLU B 226 13.50 23.61 -3.04
C GLU B 226 14.45 22.59 -2.42
N VAL B 227 14.99 21.69 -3.24
CA VAL B 227 15.83 20.57 -2.80
C VAL B 227 17.15 21.04 -2.21
N GLY B 228 17.88 21.85 -2.98
CA GLY B 228 19.19 22.33 -2.56
C GLY B 228 19.11 23.14 -1.30
N ASN B 229 18.10 24.02 -1.22
CA ASN B 229 17.93 24.79 -0.01
C ASN B 229 17.62 23.93 1.19
N THR B 230 16.74 22.94 1.03
CA THR B 230 16.37 22.13 2.19
C THR B 230 17.52 21.27 2.64
N LEU B 231 18.36 20.79 1.70
CA LEU B 231 19.51 19.98 2.06
C LEU B 231 20.52 20.86 2.76
N GLU B 232 20.70 22.09 2.25
CA GLU B 232 21.65 22.99 2.86
C GLU B 232 21.21 23.38 4.25
N LYS B 233 19.90 23.61 4.42
CA LYS B 233 19.32 23.97 5.71
C LYS B 233 19.61 22.87 6.72
N LYS B 234 19.35 21.63 6.32
CA LYS B 234 19.58 20.49 7.17
C LYS B 234 21.06 20.21 7.44
N GLY B 235 21.86 20.14 6.38
CA GLY B 235 23.25 19.71 6.45
C GLY B 235 24.29 20.75 6.72
N GLY B 236 23.92 22.00 6.50
CA GLY B 236 24.78 23.14 6.77
C GLY B 236 26.11 23.13 6.05
N LYS B 237 27.13 23.65 6.74
CA LYS B 237 28.47 23.81 6.22
C LYS B 237 29.08 22.53 5.71
N GLU B 238 29.01 21.45 6.50
CA GLU B 238 29.60 20.16 6.11
C GLU B 238 29.01 19.67 4.79
N PHE B 239 27.70 19.81 4.62
CA PHE B 239 27.04 19.42 3.39
C PHE B 239 27.58 20.25 2.22
N VAL B 240 27.66 21.57 2.40
CA VAL B 240 28.15 22.47 1.36
C VAL B 240 29.62 22.19 1.03
N GLU B 241 30.47 22.08 2.06
CA GLU B 241 31.89 21.79 1.91
C GLU B 241 32.09 20.57 1.01
N ALA B 242 31.26 19.54 1.24
CA ALA B 242 31.30 18.29 0.48
C ALA B 242 30.91 18.51 -0.98
N VAL B 243 29.90 19.35 -1.24
CA VAL B 243 29.48 19.69 -2.60
C VAL B 243 30.59 20.45 -3.33
N LEU B 244 31.16 21.46 -2.66
CA LEU B 244 32.22 22.27 -3.24
C LEU B 244 33.44 21.43 -3.61
N GLU B 245 33.81 20.49 -2.72
CA GLU B 245 34.92 19.57 -2.94
C GLU B 245 34.61 18.73 -4.16
N LEU B 246 33.37 18.21 -4.21
CA LEU B 246 32.92 17.38 -5.32
C LEU B 246 33.00 18.16 -6.61
N ARG B 247 32.54 19.41 -6.60
CA ARG B 247 32.61 20.25 -7.78
C ARG B 247 34.06 20.38 -8.23
N LYS B 248 34.96 20.63 -7.28
CA LYS B 248 36.39 20.79 -7.57
C LYS B 248 36.97 19.52 -8.17
N LYS B 249 36.63 18.37 -7.58
CA LYS B 249 37.12 17.06 -8.01
C LYS B 249 36.52 16.64 -9.34
N ASN B 250 35.20 16.70 -9.45
CA ASN B 250 34.46 16.25 -10.62
C ASN B 250 34.60 17.15 -11.82
N GLY B 251 34.66 18.45 -11.57
CA GLY B 251 34.60 19.42 -12.65
C GLY B 251 33.14 19.56 -13.00
N PRO B 252 32.82 20.32 -14.08
CA PRO B 252 31.41 20.54 -14.45
C PRO B 252 30.66 19.25 -14.68
N LEU B 253 29.43 19.22 -14.21
CA LEU B 253 28.58 18.06 -14.33
C LEU B 253 27.98 18.10 -15.72
N GLU B 254 28.21 17.06 -16.51
CA GLU B 254 27.66 17.02 -17.86
C GLU B 254 26.15 16.88 -17.76
N VAL B 255 25.42 17.25 -18.83
CA VAL B 255 23.99 17.07 -18.83
C VAL B 255 23.71 15.58 -18.71
N ALA B 256 22.77 15.25 -17.82
CA ALA B 256 22.35 13.91 -17.45
C ALA B 256 23.36 13.28 -16.54
N GLY B 257 24.41 14.03 -16.24
CA GLY B 257 25.47 13.55 -15.37
C GLY B 257 25.01 13.55 -13.93
N ALA B 258 25.59 12.64 -13.17
CA ALA B 258 25.38 12.56 -11.74
C ALA B 258 26.73 12.38 -11.06
N ALA B 259 26.85 12.93 -9.87
CA ALA B 259 28.04 12.83 -9.04
C ALA B 259 27.60 12.78 -7.59
N VAL B 260 28.31 12.03 -6.77
CA VAL B 260 27.90 11.83 -5.40
C VAL B 260 28.84 12.46 -4.38
N SER B 261 28.25 13.04 -3.32
CA SER B 261 29.00 13.54 -2.19
C SER B 261 28.41 12.89 -0.95
N ALA B 262 29.22 12.81 0.11
CA ALA B 262 28.79 12.22 1.37
C ALA B 262 27.71 13.11 1.97
N GLY B 263 26.76 12.48 2.63
CA GLY B 263 25.63 13.14 3.25
C GLY B 263 25.96 13.71 4.62
N HIS B 264 27.09 14.46 4.70
CA HIS B 264 27.54 15.12 5.92
C HIS B 264 26.48 16.09 6.39
N GLY B 265 26.08 15.94 7.64
CA GLY B 265 25.06 16.76 8.29
C GLY B 265 23.63 16.34 7.98
N LEU B 266 23.47 15.27 7.18
CA LEU B 266 22.18 14.78 6.71
C LEU B 266 21.88 13.35 7.10
N PRO B 267 20.56 13.06 7.29
CA PRO B 267 20.08 11.66 7.46
C PRO B 267 20.53 10.74 6.31
N ALA B 268 20.49 11.24 5.05
CA ALA B 268 20.92 10.53 3.86
C ALA B 268 22.42 10.28 3.94
N LYS B 269 22.85 9.09 3.54
CA LYS B 269 24.26 8.73 3.57
C LYS B 269 25.01 9.43 2.46
N PHE B 270 24.34 9.61 1.32
CA PHE B 270 24.93 10.22 0.16
C PHE B 270 23.97 11.14 -0.54
N VAL B 271 24.52 12.13 -1.21
CA VAL B 271 23.76 13.05 -2.02
C VAL B 271 24.20 12.85 -3.43
N ILE B 272 23.28 12.46 -4.29
CA ILE B 272 23.57 12.25 -5.68
C ILE B 272 23.10 13.48 -6.41
N HIS B 273 24.05 14.24 -6.92
CA HIS B 273 23.79 15.48 -7.62
C HIS B 273 23.63 15.16 -9.07
N CYS B 274 22.55 15.63 -9.67
CA CYS B 274 22.34 15.35 -11.08
C CYS B 274 22.06 16.58 -11.88
N ASN B 275 22.47 16.56 -13.14
CA ASN B 275 22.21 17.68 -14.02
C ASN B 275 21.18 17.25 -15.04
N SER B 276 19.90 17.46 -14.72
CA SER B 276 18.84 17.11 -15.65
C SER B 276 18.90 17.94 -16.92
N PRO B 277 18.49 17.36 -18.07
CA PRO B 277 18.36 18.17 -19.28
C PRO B 277 17.17 19.11 -19.12
N VAL B 278 17.11 20.10 -20.00
CA VAL B 278 16.01 21.02 -20.06
C VAL B 278 15.10 20.54 -21.15
N TRP B 279 13.81 20.57 -20.88
CA TRP B 279 12.77 20.22 -21.83
C TRP B 279 12.93 21.08 -23.08
N GLY B 280 13.02 20.44 -24.22
CA GLY B 280 13.24 21.14 -25.48
C GLY B 280 14.63 20.89 -26.03
N ALA B 281 15.57 20.49 -25.15
CA ALA B 281 16.92 20.13 -25.59
C ALA B 281 16.81 18.97 -26.55
N ASP B 282 17.70 18.97 -27.54
CA ASP B 282 17.78 17.91 -28.53
C ASP B 282 18.23 16.71 -27.71
N LYS B 283 17.32 15.74 -27.56
CA LYS B 283 17.43 14.49 -26.78
C LYS B 283 17.09 14.67 -25.30
N CYS B 284 16.29 15.70 -24.97
CA CYS B 284 15.89 15.91 -23.59
C CYS B 284 15.26 14.65 -22.98
N GLU B 285 14.43 13.92 -23.74
CA GLU B 285 13.75 12.74 -23.19
C GLU B 285 14.74 11.63 -22.84
N GLU B 286 15.61 11.30 -23.78
CA GLU B 286 16.65 10.27 -23.61
C GLU B 286 17.58 10.67 -22.48
N LEU B 287 17.90 11.97 -22.44
CA LEU B 287 18.79 12.49 -21.42
C LEU B 287 18.18 12.45 -20.03
N LEU B 288 16.87 12.67 -19.92
CA LEU B 288 16.22 12.58 -18.63
C LEU B 288 16.28 11.14 -18.15
N GLU B 289 16.01 10.18 -19.05
CA GLU B 289 16.14 8.79 -18.68
C GLU B 289 17.56 8.50 -18.24
N LYS B 290 18.56 9.03 -18.97
CA LYS B 290 19.95 8.80 -18.66
C LYS B 290 20.28 9.37 -17.30
N THR B 291 19.72 10.54 -16.98
CA THR B 291 19.95 11.20 -15.70
C THR B 291 19.57 10.28 -14.59
N VAL B 292 18.36 9.71 -14.70
CA VAL B 292 17.80 8.82 -13.70
C VAL B 292 18.68 7.61 -13.55
N LYS B 293 19.04 7.00 -14.69
CA LYS B 293 19.88 5.81 -14.66
C LYS B 293 21.22 6.10 -14.04
N ASN B 294 21.79 7.29 -14.32
CA ASN B 294 23.06 7.66 -13.75
C ASN B 294 22.99 7.77 -12.25
N CYS B 295 21.84 8.25 -11.75
CA CYS B 295 21.63 8.38 -10.32
C CYS B 295 21.57 7.01 -9.71
N LEU B 296 20.77 6.13 -10.33
CA LEU B 296 20.60 4.77 -9.85
C LEU B 296 21.93 4.03 -9.86
N ALA B 297 22.71 4.23 -10.92
CA ALA B 297 24.02 3.59 -11.07
C ALA B 297 24.94 4.01 -9.96
N LEU B 298 24.94 5.31 -9.63
CA LEU B 298 25.81 5.80 -8.59
C LEU B 298 25.41 5.22 -7.25
N ALA B 299 24.08 5.06 -7.03
CA ALA B 299 23.60 4.46 -5.78
C ALA B 299 24.00 3.00 -5.70
N ASP B 300 23.90 2.29 -6.80
CA ASP B 300 24.32 0.90 -6.86
C ASP B 300 25.81 0.76 -6.72
N ASP B 301 26.57 1.74 -7.22
CA ASP B 301 28.03 1.74 -7.11
C ASP B 301 28.45 1.74 -5.64
N LYS B 302 27.65 2.40 -4.78
CA LYS B 302 27.89 2.46 -3.36
C LYS B 302 27.09 1.40 -2.59
N LYS B 303 26.47 0.48 -3.33
CA LYS B 303 25.68 -0.63 -2.79
C LYS B 303 24.58 -0.11 -1.87
N LEU B 304 23.96 0.99 -2.27
CA LEU B 304 22.89 1.59 -1.48
C LEU B 304 21.58 0.86 -1.65
N LYS B 305 20.78 0.82 -0.59
CA LYS B 305 19.53 0.09 -0.56
C LYS B 305 18.34 0.95 -0.92
N SER B 306 18.51 2.26 -0.78
CA SER B 306 17.40 3.15 -1.04
C SER B 306 17.89 4.44 -1.60
N ILE B 307 17.04 5.07 -2.39
CA ILE B 307 17.30 6.34 -3.02
C ILE B 307 16.03 7.14 -3.08
N ALA B 308 16.14 8.43 -2.75
CA ALA B 308 15.02 9.33 -2.79
C ALA B 308 15.21 10.34 -3.89
N PHE B 309 14.20 10.45 -4.74
CA PHE B 309 14.12 11.39 -5.83
C PHE B 309 13.09 12.45 -5.59
N PRO B 310 13.40 13.69 -5.97
CA PRO B 310 12.35 14.72 -6.08
C PRO B 310 11.81 14.63 -7.53
N SER B 311 10.98 15.60 -7.99
CA SER B 311 10.44 15.57 -9.35
C SER B 311 11.43 16.09 -10.36
N ILE B 312 12.35 15.22 -10.78
CA ILE B 312 13.35 15.58 -11.76
C ILE B 312 12.72 16.05 -13.07
N GLY B 313 13.23 17.16 -13.57
CA GLY B 313 12.90 17.71 -14.87
C GLY B 313 11.67 18.56 -14.96
N SER B 314 10.69 18.35 -14.09
CA SER B 314 9.48 19.12 -14.21
C SER B 314 9.43 20.37 -13.37
N GLY B 315 10.57 20.74 -12.80
CA GLY B 315 10.69 21.99 -12.10
C GLY B 315 11.04 23.04 -13.13
N ARG B 316 12.11 23.79 -12.85
CA ARG B 316 12.62 24.82 -13.72
C ARG B 316 13.04 24.25 -15.07
N ASN B 317 13.32 22.93 -15.13
CA ASN B 317 13.75 22.29 -16.36
C ASN B 317 12.59 22.10 -17.36
N GLY B 318 11.37 22.40 -16.94
CA GLY B 318 10.22 22.52 -17.81
C GLY B 318 9.56 21.32 -18.45
N PHE B 319 9.94 20.12 -18.05
CA PHE B 319 9.26 18.95 -18.59
C PHE B 319 7.84 18.94 -18.10
N PRO B 320 6.87 18.64 -18.99
CA PRO B 320 5.50 18.41 -18.52
C PRO B 320 5.58 17.30 -17.49
N LYS B 321 4.80 17.44 -16.45
CA LYS B 321 4.87 16.53 -15.33
C LYS B 321 4.66 15.12 -15.77
N GLN B 322 3.66 14.90 -16.63
CA GLN B 322 3.36 13.56 -17.09
C GLN B 322 4.49 13.01 -17.89
N THR B 323 5.09 13.84 -18.76
CA THR B 323 6.19 13.40 -19.60
C THR B 323 7.35 12.96 -18.76
N ALA B 324 7.72 13.79 -17.81
CA ALA B 324 8.79 13.53 -16.88
C ALA B 324 8.49 12.25 -16.15
N ALA B 325 7.27 12.13 -15.59
CA ALA B 325 6.89 10.99 -14.79
C ALA B 325 7.09 9.72 -15.56
N GLN B 326 6.53 9.68 -16.76
CA GLN B 326 6.56 8.55 -17.67
C GLN B 326 8.02 8.18 -17.96
N LEU B 327 8.89 9.16 -18.26
CA LEU B 327 10.30 8.90 -18.57
C LEU B 327 11.07 8.42 -17.38
N ILE B 328 10.85 9.05 -16.23
CA ILE B 328 11.57 8.68 -15.03
C ILE B 328 11.23 7.26 -14.65
N LEU B 329 9.91 6.96 -14.63
CA LEU B 329 9.44 5.64 -14.27
C LEU B 329 9.94 4.60 -15.27
N LYS B 330 9.97 4.97 -16.56
CA LYS B 330 10.47 4.13 -17.63
C LYS B 330 11.92 3.83 -17.40
N ALA B 331 12.72 4.86 -17.05
CA ALA B 331 14.15 4.75 -16.78
C ALA B 331 14.37 3.82 -15.60
N ILE B 332 13.56 3.98 -14.54
CA ILE B 332 13.70 3.16 -13.34
C ILE B 332 13.43 1.70 -13.67
N SER B 333 12.31 1.46 -14.35
CA SER B 333 11.90 0.14 -14.78
C SER B 333 13.00 -0.48 -15.62
N SER B 334 13.46 0.25 -16.64
CA SER B 334 14.53 -0.21 -17.51
C SER B 334 15.79 -0.53 -16.74
N TYR B 335 16.18 0.36 -15.84
CA TYR B 335 17.38 0.17 -15.06
C TYR B 335 17.35 -1.14 -14.31
N PHE B 336 16.27 -1.39 -13.57
CA PHE B 336 16.17 -2.59 -12.77
C PHE B 336 16.08 -3.88 -13.56
N VAL B 337 15.59 -3.84 -14.80
CA VAL B 337 15.50 -5.05 -15.61
C VAL B 337 16.81 -5.31 -16.32
N SER B 338 17.71 -4.34 -16.26
CA SER B 338 18.99 -4.35 -16.94
C SER B 338 20.16 -4.57 -16.01
N THR B 339 19.92 -4.46 -14.70
CA THR B 339 20.96 -4.48 -13.70
C THR B 339 20.58 -5.48 -12.62
N MET B 340 21.05 -6.72 -12.75
CA MET B 340 20.70 -7.74 -11.77
C MET B 340 21.44 -7.61 -10.46
N SER B 341 22.59 -6.93 -10.45
CA SER B 341 23.33 -6.79 -9.20
C SER B 341 22.88 -5.60 -8.40
N SER B 342 21.84 -4.89 -8.87
CA SER B 342 21.35 -3.73 -8.17
C SER B 342 21.00 -4.07 -6.75
N SER B 343 21.49 -3.24 -5.85
CA SER B 343 21.29 -3.36 -4.42
C SER B 343 20.10 -2.49 -3.98
N ILE B 344 19.61 -1.62 -4.87
CA ILE B 344 18.52 -0.70 -4.54
C ILE B 344 17.25 -1.46 -4.34
N LYS B 345 16.71 -1.42 -3.13
CA LYS B 345 15.47 -2.09 -2.84
C LYS B 345 14.30 -1.11 -2.85
N THR B 346 14.55 0.15 -2.51
CA THR B 346 13.49 1.13 -2.44
C THR B 346 13.87 2.38 -3.14
N VAL B 347 12.93 2.86 -3.94
CA VAL B 347 13.04 4.12 -4.62
C VAL B 347 11.90 4.96 -4.14
N TYR B 348 12.25 6.09 -3.49
CA TYR B 348 11.29 7.06 -3.02
C TYR B 348 11.18 8.19 -3.98
N PHE B 349 9.97 8.62 -4.20
CA PHE B 349 9.68 9.80 -4.99
C PHE B 349 9.09 10.70 -3.94
N VAL B 350 9.82 11.74 -3.55
CA VAL B 350 9.35 12.68 -2.54
C VAL B 350 8.71 13.87 -3.27
N LEU B 351 7.35 13.84 -3.36
CA LEU B 351 6.50 14.76 -4.12
C LEU B 351 5.68 15.64 -3.21
N PHE B 352 5.37 16.86 -3.67
CA PHE B 352 4.68 17.83 -2.85
C PHE B 352 3.35 18.31 -3.41
N ASP B 353 3.18 18.52 -4.73
CA ASP B 353 1.86 18.99 -5.19
C ASP B 353 0.94 17.87 -5.62
N SER B 354 -0.36 18.07 -5.36
CA SER B 354 -1.42 17.11 -5.66
C SER B 354 -1.39 16.63 -7.08
N GLU B 355 -1.25 17.55 -8.02
CA GLU B 355 -1.26 17.18 -9.43
C GLU B 355 -0.16 16.22 -9.74
N SER B 356 1.05 16.52 -9.30
CA SER B 356 2.20 15.64 -9.53
C SER B 356 1.98 14.31 -8.89
N ILE B 357 1.43 14.32 -7.65
CA ILE B 357 1.15 13.07 -6.95
C ILE B 357 0.23 12.20 -7.81
N GLY B 358 -0.86 12.78 -8.27
CA GLY B 358 -1.83 12.09 -9.12
C GLY B 358 -1.22 11.54 -10.37
N ILE B 359 -0.40 12.35 -11.04
CA ILE B 359 0.28 11.95 -12.26
C ILE B 359 1.17 10.76 -11.98
N TYR B 360 2.00 10.84 -10.92
CA TYR B 360 2.92 9.76 -10.56
C TYR B 360 2.19 8.50 -10.14
N VAL B 361 1.10 8.61 -9.34
CA VAL B 361 0.29 7.48 -8.89
C VAL B 361 -0.31 6.74 -10.10
N GLN B 362 -0.70 7.48 -11.16
CA GLN B 362 -1.24 6.94 -12.42
C GLN B 362 -0.15 6.27 -13.27
N GLU B 363 0.97 6.96 -13.49
CA GLU B 363 2.08 6.43 -14.28
C GLU B 363 2.69 5.21 -13.65
N MET B 364 2.90 5.26 -12.33
CA MET B 364 3.51 4.19 -11.56
C MET B 364 2.73 2.91 -11.69
N ALA B 365 1.40 3.03 -11.70
CA ALA B 365 0.49 1.88 -11.83
C ALA B 365 0.58 1.21 -13.20
N LYS B 366 0.99 1.96 -14.22
CA LYS B 366 1.13 1.44 -15.58
C LYS B 366 2.39 0.60 -15.76
N LEU B 367 3.36 0.70 -14.81
CA LEU B 367 4.64 -0.01 -14.90
C LEU B 367 4.51 -1.53 -14.95
N GLU B 368 3.87 -2.17 -13.94
CA GLU B 368 3.69 -3.62 -13.92
C GLU B 368 2.47 -4.08 -14.77
N HIS B 369 2.65 -4.03 -16.13
CA HIS B 369 1.68 -4.40 -17.17
C HIS B 369 0.41 -3.55 -17.13
#